data_1DUR
# 
_entry.id   1DUR 
# 
_audit_conform.dict_name       mmcif_pdbx.dic 
_audit_conform.dict_version    5.385 
_audit_conform.dict_location   http://mmcif.pdb.org/dictionaries/ascii/mmcif_pdbx.dic 
# 
loop_
_database_2.database_id 
_database_2.database_code 
_database_2.pdbx_database_accession 
_database_2.pdbx_DOI 
PDB   1DUR         pdb_00001dur 10.2210/pdb1dur/pdb 
RCSB  RCSB010387   ?            ?                   
WWPDB D_1000010387 ?            ?                   
# 
loop_
_pdbx_audit_revision_history.ordinal 
_pdbx_audit_revision_history.data_content_type 
_pdbx_audit_revision_history.major_revision 
_pdbx_audit_revision_history.minor_revision 
_pdbx_audit_revision_history.revision_date 
1 'Structure model' 1 0 2000-03-29 
2 'Structure model' 1 1 2008-04-27 
3 'Structure model' 1 2 2011-07-13 
4 'Structure model' 1 3 2014-08-13 
5 'Structure model' 1 4 2017-10-04 
6 'Structure model' 1 5 2018-04-04 
7 'Structure model' 1 6 2024-02-07 
# 
_pdbx_audit_revision_details.ordinal             1 
_pdbx_audit_revision_details.revision_ordinal    1 
_pdbx_audit_revision_details.data_content_type   'Structure model' 
_pdbx_audit_revision_details.provider            repository 
_pdbx_audit_revision_details.type                'Initial release' 
_pdbx_audit_revision_details.description         ? 
_pdbx_audit_revision_details.details             ? 
# 
loop_
_pdbx_audit_revision_group.ordinal 
_pdbx_audit_revision_group.revision_ordinal 
_pdbx_audit_revision_group.data_content_type 
_pdbx_audit_revision_group.group 
1 2 'Structure model' 'Version format compliance' 
2 3 'Structure model' 'Version format compliance' 
3 4 'Structure model' 'Non-polymer description'   
4 5 'Structure model' 'Refinement description'    
5 6 'Structure model' 'Data collection'           
6 7 'Structure model' 'Data collection'           
7 7 'Structure model' 'Database references'       
8 7 'Structure model' 'Derived calculations'      
# 
loop_
_pdbx_audit_revision_category.ordinal 
_pdbx_audit_revision_category.revision_ordinal 
_pdbx_audit_revision_category.data_content_type 
_pdbx_audit_revision_category.category 
1 5 'Structure model' software               
2 6 'Structure model' diffrn_source          
3 7 'Structure model' chem_comp_atom         
4 7 'Structure model' chem_comp_bond         
5 7 'Structure model' database_2             
6 7 'Structure model' pdbx_struct_conn_angle 
7 7 'Structure model' struct_conn            
8 7 'Structure model' struct_site            
# 
loop_
_pdbx_audit_revision_item.ordinal 
_pdbx_audit_revision_item.revision_ordinal 
_pdbx_audit_revision_item.data_content_type 
_pdbx_audit_revision_item.item 
1  6 'Structure model' '_diffrn_source.type'                         
2  7 'Structure model' '_database_2.pdbx_DOI'                        
3  7 'Structure model' '_database_2.pdbx_database_accession'         
4  7 'Structure model' '_pdbx_struct_conn_angle.ptnr1_auth_seq_id'   
5  7 'Structure model' '_pdbx_struct_conn_angle.ptnr1_label_asym_id' 
6  7 'Structure model' '_pdbx_struct_conn_angle.ptnr1_label_seq_id'  
7  7 'Structure model' '_pdbx_struct_conn_angle.ptnr2_auth_seq_id'   
8  7 'Structure model' '_pdbx_struct_conn_angle.ptnr2_label_asym_id' 
9  7 'Structure model' '_pdbx_struct_conn_angle.ptnr2_label_atom_id' 
10 7 'Structure model' '_pdbx_struct_conn_angle.ptnr3_auth_seq_id'   
11 7 'Structure model' '_pdbx_struct_conn_angle.ptnr3_label_asym_id' 
12 7 'Structure model' '_pdbx_struct_conn_angle.ptnr3_label_atom_id' 
13 7 'Structure model' '_pdbx_struct_conn_angle.value'               
14 7 'Structure model' '_struct_conn.pdbx_dist_value'                
15 7 'Structure model' '_struct_conn.ptnr1_auth_comp_id'             
16 7 'Structure model' '_struct_conn.ptnr1_auth_seq_id'              
17 7 'Structure model' '_struct_conn.ptnr1_label_asym_id'            
18 7 'Structure model' '_struct_conn.ptnr1_label_atom_id'            
19 7 'Structure model' '_struct_conn.ptnr1_label_comp_id'            
20 7 'Structure model' '_struct_conn.ptnr1_label_seq_id'             
21 7 'Structure model' '_struct_conn.ptnr2_auth_comp_id'             
22 7 'Structure model' '_struct_conn.ptnr2_auth_seq_id'              
23 7 'Structure model' '_struct_conn.ptnr2_label_asym_id'            
24 7 'Structure model' '_struct_conn.ptnr2_label_atom_id'            
25 7 'Structure model' '_struct_conn.ptnr2_label_comp_id'            
26 7 'Structure model' '_struct_conn.ptnr2_label_seq_id'             
27 7 'Structure model' '_struct_site.pdbx_auth_asym_id'              
28 7 'Structure model' '_struct_site.pdbx_auth_comp_id'              
29 7 'Structure model' '_struct_site.pdbx_auth_seq_id'               
# 
_pdbx_database_PDB_obs_spr.id               SPRSDE 
_pdbx_database_PDB_obs_spr.date             2000-03-29 
_pdbx_database_PDB_obs_spr.pdb_id           1DUR 
_pdbx_database_PDB_obs_spr.replace_pdb_id   1FDX 
_pdbx_database_PDB_obs_spr.details          ? 
# 
_pdbx_database_status.status_code                     REL 
_pdbx_database_status.entry_id                        1DUR 
_pdbx_database_status.recvd_initial_deposition_date   2000-01-18 
_pdbx_database_status.deposit_site                    RCSB 
_pdbx_database_status.process_site                    RCSB 
_pdbx_database_status.status_code_sf                  REL 
_pdbx_database_status.SG_entry                        . 
_pdbx_database_status.status_code_mr                  ? 
_pdbx_database_status.status_code_cs                  ? 
_pdbx_database_status.methods_development_category    ? 
_pdbx_database_status.pdb_format_compatible           Y 
_pdbx_database_status.status_code_nmr_data            ? 
# 
_pdbx_database_related.db_name        PDB 
_pdbx_database_related.db_id          1FDX 
_pdbx_database_related.details        
;current deposition is replacement 
for 1FDX
;
_pdbx_database_related.content_type   unspecified 
# 
loop_
_audit_author.name 
_audit_author.pdbx_ordinal 
'Adman, E.T.'  1 
'Sieker, L.C.' 2 
# 
loop_
_citation.id 
_citation.title 
_citation.journal_abbrev 
_citation.journal_volume 
_citation.page_first 
_citation.page_last 
_citation.year 
_citation.journal_id_ASTM 
_citation.country 
_citation.journal_id_ISSN 
_citation.journal_id_CSD 
_citation.book_publisher 
_citation.pdbx_database_id_PubMed 
_citation.pdbx_database_id_DOI 
primary 'The 2[4Fe-4S] Ferredoxins' 'to be published' ?   ?    ?    ?    ?      ?  ?         0353 ? ? ? 
1       
;The Environment of Fe4S4 Clusters in Ferredoxins and High-Potential Iron Proteins. New Information from X-ray Crystallography and Resonance Raman Spectroscopy
;
J.Am.Chem.Soc.    113 2055 2064 1991 JACSAT US 0002-7863 0004 ? ? ? 
2       'Structure of Peptococcus aerogenes Ferredoxin Refinement at 2 A Resolution' J.Biol.Chem.      251 3801 3806 1976 JBCHA3 
US 0021-9258 0071 ? ? ? 
3       'The Structure of a Bacterial Ferredoxin' J.Biol.Chem.      248 3987 3996 1973 JBCHA3 US 0021-9258 0071 ? ? ? 
# 
loop_
_citation_author.citation_id 
_citation_author.name 
_citation_author.ordinal 
_citation_author.identifier_ORCID 
primary 'Adman, E.T.'       1  ? 
primary 'Sieker, L.C.'      2  ? 
1       'Backes, G.'        3  ? 
1       'Mino, Y.'          4  ? 
1       'Loehr, T.M.'       5  ? 
1       'Meyer, T.E.'       6  ? 
1       'Cusanovich, M.'    7  ? 
1       'Sweeney, W.V.'     8  ? 
1       'Adman, E.T.'       9  ? 
1       'Sanders-Loehr, J.' 10 ? 
2       'Adman, E.T.'       11 ? 
2       'Sieker, L.C.'      12 ? 
2       'Jensen, L.H.'      13 ? 
3       'Adman, E.T.'       14 ? 
3       'Sieker, L.C.'      15 ? 
3       'Jensen, L.H.'      16 ? 
# 
loop_
_entity.id 
_entity.type 
_entity.src_method 
_entity.pdbx_description 
_entity.formula_weight 
_entity.pdbx_number_of_molecules 
_entity.pdbx_ec 
_entity.pdbx_mutation 
_entity.pdbx_fragment 
_entity.details 
1 polymer     nat '2[4FE-4S] FERREDOXIN' 5557.229 1  ? ? ? ? 
2 non-polymer syn 'IRON/SULFUR CLUSTER'  351.640  2  ? ? ? ? 
3 water       nat water                  18.015   93 ? ? ? ? 
# 
_entity_poly.entity_id                      1 
_entity_poly.type                           'polypeptide(L)' 
_entity_poly.nstd_linkage                   no 
_entity_poly.nstd_monomer                   no 
_entity_poly.pdbx_seq_one_letter_code       AYVINDSCIACGACKPECPVNCIQEGSIYAIDADSCIDCGSCASVCPVGAPNPED 
_entity_poly.pdbx_seq_one_letter_code_can   AYVINDSCIACGACKPECPVNCIQEGSIYAIDADSCIDCGSCASVCPVGAPNPED 
_entity_poly.pdbx_strand_id                 A 
_entity_poly.pdbx_target_identifier         ? 
# 
loop_
_pdbx_entity_nonpoly.entity_id 
_pdbx_entity_nonpoly.name 
_pdbx_entity_nonpoly.comp_id 
2 'IRON/SULFUR CLUSTER' SF4 
3 water                 HOH 
# 
loop_
_entity_poly_seq.entity_id 
_entity_poly_seq.num 
_entity_poly_seq.mon_id 
_entity_poly_seq.hetero 
1 1  ALA n 
1 2  TYR n 
1 3  VAL n 
1 4  ILE n 
1 5  ASN n 
1 6  ASP n 
1 7  SER n 
1 8  CYS n 
1 9  ILE n 
1 10 ALA n 
1 11 CYS n 
1 12 GLY n 
1 13 ALA n 
1 14 CYS n 
1 15 LYS n 
1 16 PRO n 
1 17 GLU n 
1 18 CYS n 
1 19 PRO n 
1 20 VAL n 
1 21 ASN n 
1 22 CYS n 
1 23 ILE n 
1 24 GLN n 
1 25 GLU n 
1 26 GLY n 
1 27 SER n 
1 28 ILE n 
1 29 TYR n 
1 30 ALA n 
1 31 ILE n 
1 32 ASP n 
1 33 ALA n 
1 34 ASP n 
1 35 SER n 
1 36 CYS n 
1 37 ILE n 
1 38 ASP n 
1 39 CYS n 
1 40 GLY n 
1 41 SER n 
1 42 CYS n 
1 43 ALA n 
1 44 SER n 
1 45 VAL n 
1 46 CYS n 
1 47 PRO n 
1 48 VAL n 
1 49 GLY n 
1 50 ALA n 
1 51 PRO n 
1 52 ASN n 
1 53 PRO n 
1 54 GLU n 
1 55 ASP n 
# 
_entity_src_nat.entity_id                  1 
_entity_src_nat.pdbx_src_id                1 
_entity_src_nat.pdbx_alt_source_flag       sample 
_entity_src_nat.pdbx_beg_seq_num           ? 
_entity_src_nat.pdbx_end_seq_num           ? 
_entity_src_nat.common_name                ? 
_entity_src_nat.pdbx_organism_scientific   'Peptoniphilus asaccharolyticus' 
_entity_src_nat.pdbx_ncbi_taxonomy_id      1258 
_entity_src_nat.genus                      Peptoniphilus 
_entity_src_nat.species                    ? 
_entity_src_nat.strain                     ? 
_entity_src_nat.tissue                     ? 
_entity_src_nat.tissue_fraction            ? 
_entity_src_nat.pdbx_secretion             ? 
_entity_src_nat.pdbx_fragment              ? 
_entity_src_nat.pdbx_variant               ? 
_entity_src_nat.pdbx_cell_line             ? 
_entity_src_nat.pdbx_atcc                  ? 
_entity_src_nat.pdbx_cellular_location     ? 
_entity_src_nat.pdbx_organ                 ? 
_entity_src_nat.pdbx_organelle             ? 
_entity_src_nat.pdbx_cell                  ? 
_entity_src_nat.pdbx_plasmid_name          ? 
_entity_src_nat.pdbx_plasmid_details       ? 
_entity_src_nat.details                    'FORMERLY CALLED PEPTOCOCCUS AEROGENES' 
# 
loop_
_chem_comp.id 
_chem_comp.type 
_chem_comp.mon_nstd_flag 
_chem_comp.name 
_chem_comp.pdbx_synonyms 
_chem_comp.formula 
_chem_comp.formula_weight 
ALA 'L-peptide linking' y ALANINE               ? 'C3 H7 N O2'     89.093  
ASN 'L-peptide linking' y ASPARAGINE            ? 'C4 H8 N2 O3'    132.118 
ASP 'L-peptide linking' y 'ASPARTIC ACID'       ? 'C4 H7 N O4'     133.103 
CYS 'L-peptide linking' y CYSTEINE              ? 'C3 H7 N O2 S'   121.158 
GLN 'L-peptide linking' y GLUTAMINE             ? 'C5 H10 N2 O3'   146.144 
GLU 'L-peptide linking' y 'GLUTAMIC ACID'       ? 'C5 H9 N O4'     147.129 
GLY 'peptide linking'   y GLYCINE               ? 'C2 H5 N O2'     75.067  
HOH non-polymer         . WATER                 ? 'H2 O'           18.015  
ILE 'L-peptide linking' y ISOLEUCINE            ? 'C6 H13 N O2'    131.173 
LYS 'L-peptide linking' y LYSINE                ? 'C6 H15 N2 O2 1' 147.195 
PRO 'L-peptide linking' y PROLINE               ? 'C5 H9 N O2'     115.130 
SER 'L-peptide linking' y SERINE                ? 'C3 H7 N O3'     105.093 
SF4 non-polymer         . 'IRON/SULFUR CLUSTER' ? 'Fe4 S4'         351.640 
TYR 'L-peptide linking' y TYROSINE              ? 'C9 H11 N O3'    181.189 
VAL 'L-peptide linking' y VALINE                ? 'C5 H11 N O2'    117.146 
# 
loop_
_pdbx_poly_seq_scheme.asym_id 
_pdbx_poly_seq_scheme.entity_id 
_pdbx_poly_seq_scheme.seq_id 
_pdbx_poly_seq_scheme.mon_id 
_pdbx_poly_seq_scheme.ndb_seq_num 
_pdbx_poly_seq_scheme.pdb_seq_num 
_pdbx_poly_seq_scheme.auth_seq_num 
_pdbx_poly_seq_scheme.pdb_mon_id 
_pdbx_poly_seq_scheme.auth_mon_id 
_pdbx_poly_seq_scheme.pdb_strand_id 
_pdbx_poly_seq_scheme.pdb_ins_code 
_pdbx_poly_seq_scheme.hetero 
A 1 1  ALA 1  1  1  ALA ALA A . n 
A 1 2  TYR 2  2  2  TYR TYR A . n 
A 1 3  VAL 3  3  3  VAL VAL A . n 
A 1 4  ILE 4  4  4  ILE ILE A . n 
A 1 5  ASN 5  5  5  ASN ASN A . n 
A 1 6  ASP 6  6  6  ASP ASP A . n 
A 1 7  SER 7  7  7  SER SER A . n 
A 1 8  CYS 8  8  8  CYS CYS A . n 
A 1 9  ILE 9  9  9  ILE ILE A . n 
A 1 10 ALA 10 10 10 ALA ALA A . n 
A 1 11 CYS 11 11 11 CYS CYS A . n 
A 1 12 GLY 12 12 12 GLY GLY A . n 
A 1 13 ALA 13 13 13 ALA ALA A . n 
A 1 14 CYS 14 14 14 CYS CYS A . n 
A 1 15 LYS 15 15 15 LYS LYS A . n 
A 1 16 PRO 16 16 16 PRO PRO A . n 
A 1 17 GLU 17 17 17 GLU GLU A . n 
A 1 18 CYS 18 18 18 CYS CYS A . n 
A 1 19 PRO 19 19 19 PRO PRO A . n 
A 1 20 VAL 20 20 20 VAL VAL A . n 
A 1 21 ASN 21 21 21 ASN ASN A . n 
A 1 22 CYS 22 22 22 CYS CYS A . n 
A 1 23 ILE 23 23 23 ILE ILE A . n 
A 1 24 GLN 24 24 24 GLN GLN A . n 
A 1 25 GLU 25 25 25 GLU GLU A . n 
A 1 26 GLY 26 26 26 GLY GLY A . n 
A 1 27 SER 27 27 27 SER ALA A . n 
A 1 28 ILE 28 28 28 ILE ILE A . n 
A 1 29 TYR 29 29 29 TYR TYR A . n 
A 1 30 ALA 30 30 30 ALA ALA A . n 
A 1 31 ILE 31 31 31 ILE ILE A . n 
A 1 32 ASP 32 32 32 ASP ASP A . n 
A 1 33 ALA 33 33 33 ALA ALA A . n 
A 1 34 ASP 34 34 34 ASP ASP A . n 
A 1 35 SER 35 35 35 SER SER A . n 
A 1 36 CYS 36 36 36 CYS CYS A . n 
A 1 37 ILE 37 37 37 ILE ILE A . n 
A 1 38 ASP 38 38 38 ASP ASP A . n 
A 1 39 CYS 39 39 39 CYS CYS A . n 
A 1 40 GLY 40 40 40 GLY GLY A . n 
A 1 41 SER 41 41 41 SER SER A . n 
A 1 42 CYS 42 42 42 CYS CYS A . n 
A 1 43 ALA 43 43 43 ALA ALA A . n 
A 1 44 SER 44 44 44 SER SER A . n 
A 1 45 VAL 45 45 45 VAL VAL A . n 
A 1 46 CYS 46 46 46 CYS CYS A . n 
A 1 47 PRO 47 47 47 PRO PRO A . n 
A 1 48 VAL 48 48 48 VAL VAL A . n 
A 1 49 GLY 49 49 49 GLY GLY A . n 
A 1 50 ALA 50 50 50 ALA ALA A . n 
A 1 51 PRO 51 51 51 PRO PRO A . n 
A 1 52 ASN 52 52 52 ASN ASN A . n 
A 1 53 PRO 53 53 53 PRO PRO A . n 
A 1 54 GLU 54 54 54 GLU GLU A . n 
A 1 55 ASP 55 55 55 ASP ASP A . n 
# 
loop_
_pdbx_nonpoly_scheme.asym_id 
_pdbx_nonpoly_scheme.entity_id 
_pdbx_nonpoly_scheme.mon_id 
_pdbx_nonpoly_scheme.ndb_seq_num 
_pdbx_nonpoly_scheme.pdb_seq_num 
_pdbx_nonpoly_scheme.auth_seq_num 
_pdbx_nonpoly_scheme.pdb_mon_id 
_pdbx_nonpoly_scheme.auth_mon_id 
_pdbx_nonpoly_scheme.pdb_strand_id 
_pdbx_nonpoly_scheme.pdb_ins_code 
B 2 SF4 1  56   56   SF4 FS4 A . 
C 2 SF4 1  57   57   SF4 FS4 A . 
D 3 HOH 1  105  105  HOH H2O A . 
D 3 HOH 2  152  152  HOH H2O A . 
D 3 HOH 3  153  153  HOH H2O A . 
D 3 HOH 4  154  154  HOH H2O A . 
D 3 HOH 5  155  155  HOH H2O A . 
D 3 HOH 6  156  156  HOH H2O A . 
D 3 HOH 7  157  157  HOH H2O A . 
D 3 HOH 8  159  159  HOH H2O A . 
D 3 HOH 9  160  160  HOH H2O A . 
D 3 HOH 10 161  161  HOH H2O A . 
D 3 HOH 11 162  162  HOH H2O A . 
D 3 HOH 12 163  163  HOH H2O A . 
D 3 HOH 13 164  164  HOH H2O A . 
D 3 HOH 14 165  165  HOH H2O A . 
D 3 HOH 15 166  166  HOH H2O A . 
D 3 HOH 16 167  167  HOH H2O A . 
D 3 HOH 17 168  168  HOH H2O A . 
D 3 HOH 18 171  171  HOH H2O A . 
D 3 HOH 19 172  172  HOH H2O A . 
D 3 HOH 20 173  173  HOH H2O A . 
D 3 HOH 21 174  174  HOH H2O A . 
D 3 HOH 22 175  175  HOH H2O A . 
D 3 HOH 23 176  176  HOH H2O A . 
D 3 HOH 24 177  177  HOH H2O A . 
D 3 HOH 25 178  178  HOH H2O A . 
D 3 HOH 26 179  179  HOH H2O A . 
D 3 HOH 27 180  180  HOH H2O A . 
D 3 HOH 28 182  182  HOH H2O A . 
D 3 HOH 29 184  184  HOH H2O A . 
D 3 HOH 30 185  185  HOH H2O A . 
D 3 HOH 31 186  186  HOH H2O A . 
D 3 HOH 32 187  187  HOH H2O A . 
D 3 HOH 33 190  190  HOH H2O A . 
D 3 HOH 34 191  191  HOH H2O A . 
D 3 HOH 35 192  192  HOH H2O A . 
D 3 HOH 36 195  195  HOH H2O A . 
D 3 HOH 37 1001 1001 HOH H2O A . 
D 3 HOH 38 1002 1002 HOH H2O A . 
D 3 HOH 39 1005 1005 HOH H2O A . 
D 3 HOH 40 1006 1006 HOH H2O A . 
D 3 HOH 41 1007 1007 HOH H2O A . 
D 3 HOH 42 1008 1008 HOH H2O A . 
D 3 HOH 43 1012 1012 HOH H2O A . 
D 3 HOH 44 1013 1013 HOH H2O A . 
D 3 HOH 45 1015 1015 HOH H2O A . 
D 3 HOH 46 1017 1017 HOH H2O A . 
D 3 HOH 47 1018 1018 HOH H2O A . 
D 3 HOH 48 1020 1020 HOH H2O A . 
D 3 HOH 49 1021 1021 HOH H2O A . 
D 3 HOH 50 1025 1025 HOH H2O A . 
D 3 HOH 51 1026 1026 HOH H2O A . 
D 3 HOH 52 1027 1027 HOH H2O A . 
D 3 HOH 53 1028 1028 HOH H2O A . 
D 3 HOH 54 1029 1029 HOH H2O A . 
D 3 HOH 55 1031 1031 HOH H2O A . 
D 3 HOH 56 1032 1032 HOH H2O A . 
D 3 HOH 57 1033 1033 HOH H2O A . 
D 3 HOH 58 1034 1034 HOH H2O A . 
D 3 HOH 59 1035 1035 HOH H2O A . 
D 3 HOH 60 1036 1036 HOH H2O A . 
D 3 HOH 61 1037 1037 HOH H2O A . 
D 3 HOH 62 1038 1038 HOH H2O A . 
D 3 HOH 63 1039 1039 HOH H2O A . 
D 3 HOH 64 1043 1043 HOH H2O A . 
D 3 HOH 65 1045 1045 HOH H2O A . 
D 3 HOH 66 1046 1046 HOH H2O A . 
D 3 HOH 67 1047 1047 HOH H2O A . 
D 3 HOH 68 1048 1048 HOH H2O A . 
D 3 HOH 69 1051 1051 HOH H2O A . 
D 3 HOH 70 1053 1053 HOH H2O A . 
D 3 HOH 71 1054 1054 HOH H2O A . 
D 3 HOH 72 1055 1055 HOH H2O A . 
D 3 HOH 73 2005 2005 HOH H2O A . 
D 3 HOH 74 2006 2006 HOH H2O A . 
D 3 HOH 75 2008 2008 HOH H2O A . 
D 3 HOH 76 2017 2017 HOH H2O A . 
D 3 HOH 77 2020 2020 HOH H2O A . 
D 3 HOH 78 2021 2021 HOH H2O A . 
D 3 HOH 79 2025 2025 HOH H2O A . 
D 3 HOH 80 2028 2028 HOH H2O A . 
D 3 HOH 81 2031 2031 HOH H2O A . 
D 3 HOH 82 2032 2032 HOH H2O A . 
D 3 HOH 83 2034 2034 HOH H2O A . 
D 3 HOH 84 2038 2038 HOH H2O A . 
D 3 HOH 85 2045 2045 HOH H2O A . 
D 3 HOH 86 2055 2055 HOH H2O A . 
D 3 HOH 87 3017 3017 HOH H2O A . 
D 3 HOH 88 3020 3020 HOH H2O A . 
D 3 HOH 89 3025 3025 HOH H2O A . 
D 3 HOH 90 3031 3031 HOH H2O A . 
D 3 HOH 91 3032 3032 HOH H2O A . 
D 3 HOH 92 3055 3055 HOH H2O A . 
D 3 HOH 93 4025 4025 HOH H2O A . 
# 
_pdbx_unobs_or_zero_occ_atoms.id               1 
_pdbx_unobs_or_zero_occ_atoms.PDB_model_num    1 
_pdbx_unobs_or_zero_occ_atoms.polymer_flag     Y 
_pdbx_unobs_or_zero_occ_atoms.occupancy_flag   1 
_pdbx_unobs_or_zero_occ_atoms.auth_asym_id     A 
_pdbx_unobs_or_zero_occ_atoms.auth_comp_id     SER 
_pdbx_unobs_or_zero_occ_atoms.auth_seq_id      27 
_pdbx_unobs_or_zero_occ_atoms.PDB_ins_code     ? 
_pdbx_unobs_or_zero_occ_atoms.auth_atom_id     OG 
_pdbx_unobs_or_zero_occ_atoms.label_alt_id     ? 
_pdbx_unobs_or_zero_occ_atoms.label_asym_id    A 
_pdbx_unobs_or_zero_occ_atoms.label_comp_id    SER 
_pdbx_unobs_or_zero_occ_atoms.label_seq_id     27 
_pdbx_unobs_or_zero_occ_atoms.label_atom_id    OG 
# 
loop_
_software.name 
_software.classification 
_software.version 
_software.citation_id 
_software.pdbx_ordinal 
X-PLOR refinement       3.843 ? 1 
PICKER 'data reduction' .     ? 2 
# 
_cell.entry_id           1DUR 
_cell.length_a           30.52 
_cell.length_b           37.75 
_cell.length_c           39.37 
_cell.angle_alpha        90.0 
_cell.angle_beta         90.0 
_cell.angle_gamma        90.0 
_cell.Z_PDB              4 
_cell.pdbx_unique_axis   ? 
_cell.length_a_esd       ? 
_cell.length_b_esd       ? 
_cell.length_c_esd       ? 
_cell.angle_alpha_esd    ? 
_cell.angle_beta_esd     ? 
_cell.angle_gamma_esd    ? 
# 
_symmetry.entry_id                         1DUR 
_symmetry.space_group_name_H-M             'P 21 21 21' 
_symmetry.pdbx_full_space_group_name_H-M   ? 
_symmetry.cell_setting                     ? 
_symmetry.Int_Tables_number                19 
_symmetry.space_group_name_Hall            ? 
# 
_exptl.entry_id          1DUR 
_exptl.method            'X-RAY DIFFRACTION' 
_exptl.crystals_number   2 
# 
_exptl_crystal.id                    1 
_exptl_crystal.density_meas          ? 
_exptl_crystal.density_Matthews      2.04 
_exptl_crystal.density_percent_sol   39.67 
_exptl_crystal.description           ? 
_exptl_crystal.F_000                 ? 
_exptl_crystal.preparation           ? 
# 
_exptl_crystal_grow.crystal_id      1 
_exptl_crystal_grow.method          EVAPORATION 
_exptl_crystal_grow.temp            277.0 
_exptl_crystal_grow.temp_details    ? 
_exptl_crystal_grow.pH              7.5 
_exptl_crystal_grow.pdbx_details    
;3.3-3.5M ammonium sulfate, 
tris-chloride buffer, pH 7.5, EVAPORATION, temperature 277.0K
;
_exptl_crystal_grow.pdbx_pH_range   . 
# 
_diffrn.id                     1 
_diffrn.ambient_temp           298.0 
_diffrn.ambient_temp_details   ? 
_diffrn.crystal_id             1 
# 
_diffrn_detector.diffrn_id              1 
_diffrn_detector.detector               DIFFRACTOMETER 
_diffrn_detector.type                   PICKER 
_diffrn_detector.pdbx_collection_date   1972-01-01 
_diffrn_detector.details                ? 
# 
_diffrn_radiation.diffrn_id                        1 
_diffrn_radiation.wavelength_id                    1 
_diffrn_radiation.pdbx_monochromatic_or_laue_m_l   M 
_diffrn_radiation.monochromator                    ? 
_diffrn_radiation.pdbx_diffrn_protocol             'SINGLE WAVELENGTH' 
_diffrn_radiation.pdbx_scattering_type             x-ray 
# 
_diffrn_radiation_wavelength.id           1 
_diffrn_radiation_wavelength.wavelength   1.5418 
_diffrn_radiation_wavelength.wt           1.0 
# 
_diffrn_source.diffrn_id                   1 
_diffrn_source.source                      'SEALED TUBE' 
_diffrn_source.type                        OTHER 
_diffrn_source.pdbx_synchrotron_site       ? 
_diffrn_source.pdbx_synchrotron_beamline   ? 
_diffrn_source.pdbx_wavelength             1.5418 
_diffrn_source.pdbx_wavelength_list        ? 
# 
_reflns.entry_id                     1DUR 
_reflns.observed_criterion_sigma_I   0.0 
_reflns.observed_criterion_sigma_F   0.0 
_reflns.d_resolution_low             10.0 
_reflns.d_resolution_high            2.0 
_reflns.number_obs                   3220 
_reflns.number_all                   3220 
_reflns.percent_possible_obs         100 
_reflns.pdbx_Rmerge_I_obs            0.05 
_reflns.pdbx_Rsym_value              ? 
_reflns.pdbx_netI_over_sigmaI        ? 
_reflns.B_iso_Wilson_estimate        ? 
_reflns.pdbx_redundancy              ? 
_reflns.R_free_details               ? 
_reflns.limit_h_max                  ? 
_reflns.limit_h_min                  ? 
_reflns.limit_k_max                  ? 
_reflns.limit_k_min                  ? 
_reflns.limit_l_max                  ? 
_reflns.limit_l_min                  ? 
_reflns.observed_criterion_F_max     ? 
_reflns.observed_criterion_F_min     ? 
_reflns.pdbx_ordinal                 1 
_reflns.pdbx_diffrn_id               1 
_reflns.pdbx_chi_squared             ? 
_reflns.pdbx_scaling_rejects         ? 
# 
_refine.entry_id                                 1DUR 
_refine.ls_number_reflns_obs                     2963 
_refine.ls_number_reflns_all                     3220 
_refine.pdbx_ls_sigma_I                          1.0 
_refine.pdbx_ls_sigma_F                          0.0 
_refine.pdbx_data_cutoff_high_absF               ? 
_refine.pdbx_data_cutoff_low_absF                ? 
_refine.ls_d_res_low                             10.0 
_refine.ls_d_res_high                            2.0 
_refine.ls_percent_reflns_obs                    ? 
_refine.ls_R_factor_obs                          0.14 
_refine.ls_R_factor_all                          0.155 
_refine.ls_R_factor_R_work                       0.155 
_refine.ls_R_factor_R_free                       ? 
_refine.ls_R_factor_R_free_error                 ? 
_refine.ls_R_factor_R_free_error_details         ? 
_refine.ls_percent_reflns_R_free                 ? 
_refine.ls_number_reflns_R_free                  ? 
_refine.ls_number_parameters                     ? 
_refine.ls_number_restraints                     ? 
_refine.occupancy_min                            ? 
_refine.occupancy_max                            ? 
_refine.B_iso_mean                               ? 
_refine.aniso_B[1][1]                            ? 
_refine.aniso_B[2][2]                            ? 
_refine.aniso_B[3][3]                            ? 
_refine.aniso_B[1][2]                            ? 
_refine.aniso_B[1][3]                            ? 
_refine.aniso_B[2][3]                            ? 
_refine.solvent_model_details                    ? 
_refine.solvent_model_param_ksol                 ? 
_refine.solvent_model_param_bsol                 ? 
_refine.pdbx_ls_cross_valid_method               ? 
_refine.details                                  
;Used Xplor positional and individual B  
refinement.
Refinement with "modern" tools (PROLSQ, then XPLOR)
revealed a new cysteine in position 22, subsequently
verified by partial sequencing. See Citation 1.
The close contacts listed in remark 500 are waters
that are regarded as alternative sites, not all
occupied simultaneously.
;
_refine.pdbx_starting_model                      ? 
_refine.pdbx_method_to_determine_struct          ? 
_refine.pdbx_isotropic_thermal_model             ? 
_refine.pdbx_stereochemistry_target_values       'Engh and Huber' 
_refine.pdbx_stereochem_target_val_spec_case     ? 
_refine.pdbx_R_Free_selection_details            ? 
_refine.pdbx_overall_ESU_R_Free                  ? 
_refine.overall_SU_B                             ? 
_refine.ls_redundancy_reflns_obs                 ? 
_refine.B_iso_min                                ? 
_refine.B_iso_max                                ? 
_refine.overall_SU_ML                            ? 
_refine.pdbx_overall_ESU_R                       ? 
_refine.pdbx_data_cutoff_high_rms_absF           ? 
_refine.correlation_coeff_Fo_to_Fc               ? 
_refine.correlation_coeff_Fo_to_Fc_free          ? 
_refine.overall_SU_R_Cruickshank_DPI             ? 
_refine.overall_SU_R_free                        ? 
_refine.pdbx_refine_id                           'X-RAY DIFFRACTION' 
_refine.pdbx_diffrn_id                           1 
_refine.pdbx_overall_phase_error                 ? 
_refine.pdbx_solvent_vdw_probe_radii             ? 
_refine.pdbx_solvent_ion_probe_radii             ? 
_refine.pdbx_solvent_shrinkage_radii             ? 
_refine.ls_wR_factor_R_free                      ? 
_refine.ls_wR_factor_R_work                      ? 
_refine.overall_FOM_free_R_set                   ? 
_refine.overall_FOM_work_R_set                   ? 
_refine.pdbx_TLS_residual_ADP_flag               ? 
_refine.pdbx_overall_SU_R_free_Cruickshank_DPI   ? 
_refine.pdbx_overall_SU_R_Blow_DPI               ? 
_refine.pdbx_overall_SU_R_free_Blow_DPI          ? 
# 
_refine_hist.pdbx_refine_id                   'X-RAY DIFFRACTION' 
_refine_hist.cycle_id                         LAST 
_refine_hist.pdbx_number_atoms_protein        379 
_refine_hist.pdbx_number_atoms_nucleic_acid   0 
_refine_hist.pdbx_number_atoms_ligand         16 
_refine_hist.number_atoms_solvent             93 
_refine_hist.number_atoms_total               488 
_refine_hist.d_res_high                       2.0 
_refine_hist.d_res_low                        10.0 
# 
_struct.entry_id                  1DUR 
_struct.title                     'Replacement for 1FDX 2(4FE4S) ferredoxin from (NOW) Peptostreptococcus asaccharolyticus' 
_struct.pdbx_model_details        ? 
_struct.pdbx_CASP_flag            ? 
_struct.pdbx_model_type_details   ? 
# 
_struct_keywords.entry_id        1DUR 
_struct_keywords.pdbx_keywords   'ELECTRON TRANSPORT' 
_struct_keywords.text            'TWO 4Fe-4S clusters, ELECTRON TRANSPORT' 
# 
loop_
_struct_asym.id 
_struct_asym.pdbx_blank_PDB_chainid_flag 
_struct_asym.pdbx_modified 
_struct_asym.entity_id 
_struct_asym.details 
A N N 1 ? 
B N N 2 ? 
C N N 2 ? 
D N N 3 ? 
# 
_struct_ref.id                         1 
_struct_ref.db_name                    UNP 
_struct_ref.db_code                    FER_PEPAS 
_struct_ref.entity_id                  1 
_struct_ref.pdbx_db_accession          P00193 
_struct_ref.pdbx_align_begin           ? 
_struct_ref.pdbx_seq_one_letter_code   ? 
_struct_ref.pdbx_db_isoform            ? 
# 
_struct_ref_seq.align_id                      1 
_struct_ref_seq.ref_id                        1 
_struct_ref_seq.pdbx_PDB_id_code              1DUR 
_struct_ref_seq.pdbx_strand_id                A 
_struct_ref_seq.seq_align_beg                 1 
_struct_ref_seq.pdbx_seq_align_beg_ins_code   ? 
_struct_ref_seq.seq_align_end                 55 
_struct_ref_seq.pdbx_seq_align_end_ins_code   ? 
_struct_ref_seq.pdbx_db_accession             P00193 
_struct_ref_seq.db_align_beg                  1 
_struct_ref_seq.pdbx_db_align_beg_ins_code    ? 
_struct_ref_seq.db_align_end                  55 
_struct_ref_seq.pdbx_db_align_end_ins_code    ? 
_struct_ref_seq.pdbx_auth_seq_align_beg       1 
_struct_ref_seq.pdbx_auth_seq_align_end       55 
# 
_pdbx_struct_assembly.id                   1 
_pdbx_struct_assembly.details              author_defined_assembly 
_pdbx_struct_assembly.method_details       ? 
_pdbx_struct_assembly.oligomeric_details   monomeric 
_pdbx_struct_assembly.oligomeric_count     1 
# 
_pdbx_struct_assembly_gen.assembly_id       1 
_pdbx_struct_assembly_gen.oper_expression   1 
_pdbx_struct_assembly_gen.asym_id_list      A,B,C,D 
# 
_pdbx_struct_oper_list.id                   1 
_pdbx_struct_oper_list.type                 'identity operation' 
_pdbx_struct_oper_list.name                 1_555 
_pdbx_struct_oper_list.symmetry_operation   x,y,z 
_pdbx_struct_oper_list.matrix[1][1]         1.0000000000 
_pdbx_struct_oper_list.matrix[1][2]         0.0000000000 
_pdbx_struct_oper_list.matrix[1][3]         0.0000000000 
_pdbx_struct_oper_list.vector[1]            0.0000000000 
_pdbx_struct_oper_list.matrix[2][1]         0.0000000000 
_pdbx_struct_oper_list.matrix[2][2]         1.0000000000 
_pdbx_struct_oper_list.matrix[2][3]         0.0000000000 
_pdbx_struct_oper_list.vector[2]            0.0000000000 
_pdbx_struct_oper_list.matrix[3][1]         0.0000000000 
_pdbx_struct_oper_list.matrix[3][2]         0.0000000000 
_pdbx_struct_oper_list.matrix[3][3]         1.0000000000 
_pdbx_struct_oper_list.vector[3]            0.0000000000 
# 
_struct_biol.id                    1 
_struct_biol.pdbx_parent_biol_id   ? 
_struct_biol.details               ? 
# 
loop_
_struct_conf.conf_type_id 
_struct_conf.id 
_struct_conf.pdbx_PDB_helix_id 
_struct_conf.beg_label_comp_id 
_struct_conf.beg_label_asym_id 
_struct_conf.beg_label_seq_id 
_struct_conf.pdbx_beg_PDB_ins_code 
_struct_conf.end_label_comp_id 
_struct_conf.end_label_asym_id 
_struct_conf.end_label_seq_id 
_struct_conf.pdbx_end_PDB_ins_code 
_struct_conf.beg_auth_comp_id 
_struct_conf.beg_auth_asym_id 
_struct_conf.beg_auth_seq_id 
_struct_conf.end_auth_comp_id 
_struct_conf.end_auth_asym_id 
_struct_conf.end_auth_seq_id 
_struct_conf.pdbx_PDB_helix_class 
_struct_conf.details 
_struct_conf.pdbx_PDB_helix_length 
HELX_P HELX_P1 1 CYS A 14 ? CYS A 18 ? CYS A 14 CYS A 18 5 ? 5 
HELX_P HELX_P2 2 GLY A 40 ? CYS A 46 ? GLY A 40 CYS A 46 1 ? 7 
# 
_struct_conf_type.id          HELX_P 
_struct_conf_type.criteria    ? 
_struct_conf_type.reference   ? 
# 
loop_
_struct_conn.id 
_struct_conn.conn_type_id 
_struct_conn.pdbx_leaving_atom_flag 
_struct_conn.pdbx_PDB_id 
_struct_conn.ptnr1_label_asym_id 
_struct_conn.ptnr1_label_comp_id 
_struct_conn.ptnr1_label_seq_id 
_struct_conn.ptnr1_label_atom_id 
_struct_conn.pdbx_ptnr1_label_alt_id 
_struct_conn.pdbx_ptnr1_PDB_ins_code 
_struct_conn.pdbx_ptnr1_standard_comp_id 
_struct_conn.ptnr1_symmetry 
_struct_conn.ptnr2_label_asym_id 
_struct_conn.ptnr2_label_comp_id 
_struct_conn.ptnr2_label_seq_id 
_struct_conn.ptnr2_label_atom_id 
_struct_conn.pdbx_ptnr2_label_alt_id 
_struct_conn.pdbx_ptnr2_PDB_ins_code 
_struct_conn.ptnr1_auth_asym_id 
_struct_conn.ptnr1_auth_comp_id 
_struct_conn.ptnr1_auth_seq_id 
_struct_conn.ptnr2_auth_asym_id 
_struct_conn.ptnr2_auth_comp_id 
_struct_conn.ptnr2_auth_seq_id 
_struct_conn.ptnr2_symmetry 
_struct_conn.pdbx_ptnr3_label_atom_id 
_struct_conn.pdbx_ptnr3_label_seq_id 
_struct_conn.pdbx_ptnr3_label_comp_id 
_struct_conn.pdbx_ptnr3_label_asym_id 
_struct_conn.pdbx_ptnr3_label_alt_id 
_struct_conn.pdbx_ptnr3_PDB_ins_code 
_struct_conn.details 
_struct_conn.pdbx_dist_value 
_struct_conn.pdbx_value_order 
_struct_conn.pdbx_role 
metalc1 metalc ? ? A CYS 8  SG ? ? ? 1_555 B SF4 . FE1 ? ? A CYS 8  A SF4 56 1_555 ? ? ? ? ? ? ? 2.307 ? ? 
metalc2 metalc ? ? A CYS 11 SG ? ? ? 1_555 B SF4 . FE2 ? ? A CYS 11 A SF4 56 1_555 ? ? ? ? ? ? ? 2.167 ? ? 
metalc3 metalc ? ? A CYS 14 SG ? ? ? 1_555 B SF4 . FE4 ? ? A CYS 14 A SF4 56 1_555 ? ? ? ? ? ? ? 2.245 ? ? 
metalc4 metalc ? ? A CYS 18 SG ? ? ? 1_555 C SF4 . FE3 ? ? A CYS 18 A SF4 57 1_555 ? ? ? ? ? ? ? 2.209 ? ? 
metalc5 metalc ? ? A CYS 36 SG ? ? ? 1_555 C SF4 . FE1 ? ? A CYS 36 A SF4 57 1_555 ? ? ? ? ? ? ? 2.243 ? ? 
metalc6 metalc ? ? A CYS 39 SG ? ? ? 1_555 C SF4 . FE2 ? ? A CYS 39 A SF4 57 1_555 ? ? ? ? ? ? ? 2.344 ? ? 
metalc7 metalc ? ? A CYS 42 SG ? ? ? 1_555 C SF4 . FE4 ? ? A CYS 42 A SF4 57 1_555 ? ? ? ? ? ? ? 2.236 ? ? 
metalc8 metalc ? ? A CYS 46 SG ? ? ? 1_555 B SF4 . FE3 ? ? A CYS 46 A SF4 56 1_555 ? ? ? ? ? ? ? 2.197 ? ? 
# 
_struct_conn_type.id          metalc 
_struct_conn_type.criteria    ? 
_struct_conn_type.reference   ? 
# 
loop_
_pdbx_struct_conn_angle.id 
_pdbx_struct_conn_angle.ptnr1_label_atom_id 
_pdbx_struct_conn_angle.ptnr1_label_alt_id 
_pdbx_struct_conn_angle.ptnr1_label_asym_id 
_pdbx_struct_conn_angle.ptnr1_label_comp_id 
_pdbx_struct_conn_angle.ptnr1_label_seq_id 
_pdbx_struct_conn_angle.ptnr1_auth_atom_id 
_pdbx_struct_conn_angle.ptnr1_auth_asym_id 
_pdbx_struct_conn_angle.ptnr1_auth_comp_id 
_pdbx_struct_conn_angle.ptnr1_auth_seq_id 
_pdbx_struct_conn_angle.ptnr1_PDB_ins_code 
_pdbx_struct_conn_angle.ptnr1_symmetry 
_pdbx_struct_conn_angle.ptnr2_label_atom_id 
_pdbx_struct_conn_angle.ptnr2_label_alt_id 
_pdbx_struct_conn_angle.ptnr2_label_asym_id 
_pdbx_struct_conn_angle.ptnr2_label_comp_id 
_pdbx_struct_conn_angle.ptnr2_label_seq_id 
_pdbx_struct_conn_angle.ptnr2_auth_atom_id 
_pdbx_struct_conn_angle.ptnr2_auth_asym_id 
_pdbx_struct_conn_angle.ptnr2_auth_comp_id 
_pdbx_struct_conn_angle.ptnr2_auth_seq_id 
_pdbx_struct_conn_angle.ptnr2_PDB_ins_code 
_pdbx_struct_conn_angle.ptnr2_symmetry 
_pdbx_struct_conn_angle.ptnr3_label_atom_id 
_pdbx_struct_conn_angle.ptnr3_label_alt_id 
_pdbx_struct_conn_angle.ptnr3_label_asym_id 
_pdbx_struct_conn_angle.ptnr3_label_comp_id 
_pdbx_struct_conn_angle.ptnr3_label_seq_id 
_pdbx_struct_conn_angle.ptnr3_auth_atom_id 
_pdbx_struct_conn_angle.ptnr3_auth_asym_id 
_pdbx_struct_conn_angle.ptnr3_auth_comp_id 
_pdbx_struct_conn_angle.ptnr3_auth_seq_id 
_pdbx_struct_conn_angle.ptnr3_PDB_ins_code 
_pdbx_struct_conn_angle.ptnr3_symmetry 
_pdbx_struct_conn_angle.value 
_pdbx_struct_conn_angle.value_esd 
1  SG ? A CYS 8  ? A CYS 8  ? 1_555 FE1 ? B SF4 . ? A SF4 56 ? 1_555 S2 ? B SF4 . ? A SF4 56 ? 1_555 118.3 ? 
2  SG ? A CYS 8  ? A CYS 8  ? 1_555 FE1 ? B SF4 . ? A SF4 56 ? 1_555 S3 ? B SF4 . ? A SF4 56 ? 1_555 111.6 ? 
3  S2 ? B SF4 .  ? A SF4 56 ? 1_555 FE1 ? B SF4 . ? A SF4 56 ? 1_555 S3 ? B SF4 . ? A SF4 56 ? 1_555 104.8 ? 
4  SG ? A CYS 8  ? A CYS 8  ? 1_555 FE1 ? B SF4 . ? A SF4 56 ? 1_555 S4 ? B SF4 . ? A SF4 56 ? 1_555 115.9 ? 
5  S2 ? B SF4 .  ? A SF4 56 ? 1_555 FE1 ? B SF4 . ? A SF4 56 ? 1_555 S4 ? B SF4 . ? A SF4 56 ? 1_555 103.1 ? 
6  S3 ? B SF4 .  ? A SF4 56 ? 1_555 FE1 ? B SF4 . ? A SF4 56 ? 1_555 S4 ? B SF4 . ? A SF4 56 ? 1_555 101.2 ? 
7  SG ? A CYS 11 ? A CYS 11 ? 1_555 FE2 ? B SF4 . ? A SF4 56 ? 1_555 S1 ? B SF4 . ? A SF4 56 ? 1_555 104.1 ? 
8  SG ? A CYS 11 ? A CYS 11 ? 1_555 FE2 ? B SF4 . ? A SF4 56 ? 1_555 S3 ? B SF4 . ? A SF4 56 ? 1_555 120.2 ? 
9  S1 ? B SF4 .  ? A SF4 56 ? 1_555 FE2 ? B SF4 . ? A SF4 56 ? 1_555 S3 ? B SF4 . ? A SF4 56 ? 1_555 100.4 ? 
10 SG ? A CYS 11 ? A CYS 11 ? 1_555 FE2 ? B SF4 . ? A SF4 56 ? 1_555 S4 ? B SF4 . ? A SF4 56 ? 1_555 118.1 ? 
11 S1 ? B SF4 .  ? A SF4 56 ? 1_555 FE2 ? B SF4 . ? A SF4 56 ? 1_555 S4 ? B SF4 . ? A SF4 56 ? 1_555 109.0 ? 
12 S3 ? B SF4 .  ? A SF4 56 ? 1_555 FE2 ? B SF4 . ? A SF4 56 ? 1_555 S4 ? B SF4 . ? A SF4 56 ? 1_555 103.4 ? 
13 SG ? A CYS 14 ? A CYS 14 ? 1_555 FE4 ? B SF4 . ? A SF4 56 ? 1_555 S1 ? B SF4 . ? A SF4 56 ? 1_555 111.0 ? 
14 SG ? A CYS 14 ? A CYS 14 ? 1_555 FE4 ? B SF4 . ? A SF4 56 ? 1_555 S2 ? B SF4 . ? A SF4 56 ? 1_555 123.9 ? 
15 S1 ? B SF4 .  ? A SF4 56 ? 1_555 FE4 ? B SF4 . ? A SF4 56 ? 1_555 S2 ? B SF4 . ? A SF4 56 ? 1_555 102.6 ? 
16 SG ? A CYS 14 ? A CYS 14 ? 1_555 FE4 ? B SF4 . ? A SF4 56 ? 1_555 S3 ? B SF4 . ? A SF4 56 ? 1_555 108.4 ? 
17 S1 ? B SF4 .  ? A SF4 56 ? 1_555 FE4 ? B SF4 . ? A SF4 56 ? 1_555 S3 ? B SF4 . ? A SF4 56 ? 1_555 102.3 ? 
18 S2 ? B SF4 .  ? A SF4 56 ? 1_555 FE4 ? B SF4 . ? A SF4 56 ? 1_555 S3 ? B SF4 . ? A SF4 56 ? 1_555 106.5 ? 
19 SG ? A CYS 18 ? A CYS 18 ? 1_555 FE3 ? C SF4 . ? A SF4 57 ? 1_555 S1 ? C SF4 . ? A SF4 57 ? 1_555 110.8 ? 
20 SG ? A CYS 18 ? A CYS 18 ? 1_555 FE3 ? C SF4 . ? A SF4 57 ? 1_555 S2 ? C SF4 . ? A SF4 57 ? 1_555 125.3 ? 
21 S1 ? C SF4 .  ? A SF4 57 ? 1_555 FE3 ? C SF4 . ? A SF4 57 ? 1_555 S2 ? C SF4 . ? A SF4 57 ? 1_555 101.4 ? 
22 SG ? A CYS 18 ? A CYS 18 ? 1_555 FE3 ? C SF4 . ? A SF4 57 ? 1_555 S4 ? C SF4 . ? A SF4 57 ? 1_555 112.1 ? 
23 S1 ? C SF4 .  ? A SF4 57 ? 1_555 FE3 ? C SF4 . ? A SF4 57 ? 1_555 S4 ? C SF4 . ? A SF4 57 ? 1_555 102.0 ? 
24 S2 ? C SF4 .  ? A SF4 57 ? 1_555 FE3 ? C SF4 . ? A SF4 57 ? 1_555 S4 ? C SF4 . ? A SF4 57 ? 1_555 102.4 ? 
25 SG ? A CYS 36 ? A CYS 36 ? 1_555 FE1 ? C SF4 . ? A SF4 57 ? 1_555 S2 ? C SF4 . ? A SF4 57 ? 1_555 119.0 ? 
26 SG ? A CYS 36 ? A CYS 36 ? 1_555 FE1 ? C SF4 . ? A SF4 57 ? 1_555 S3 ? C SF4 . ? A SF4 57 ? 1_555 105.1 ? 
27 S2 ? C SF4 .  ? A SF4 57 ? 1_555 FE1 ? C SF4 . ? A SF4 57 ? 1_555 S3 ? C SF4 . ? A SF4 57 ? 1_555 102.0 ? 
28 SG ? A CYS 36 ? A CYS 36 ? 1_555 FE1 ? C SF4 . ? A SF4 57 ? 1_555 S4 ? C SF4 . ? A SF4 57 ? 1_555 120.4 ? 
29 S2 ? C SF4 .  ? A SF4 57 ? 1_555 FE1 ? C SF4 . ? A SF4 57 ? 1_555 S4 ? C SF4 . ? A SF4 57 ? 1_555 105.4 ? 
30 S3 ? C SF4 .  ? A SF4 57 ? 1_555 FE1 ? C SF4 . ? A SF4 57 ? 1_555 S4 ? C SF4 . ? A SF4 57 ? 1_555 101.8 ? 
31 SG ? A CYS 39 ? A CYS 39 ? 1_555 FE2 ? C SF4 . ? A SF4 57 ? 1_555 S1 ? C SF4 . ? A SF4 57 ? 1_555 101.5 ? 
32 SG ? A CYS 39 ? A CYS 39 ? 1_555 FE2 ? C SF4 . ? A SF4 57 ? 1_555 S3 ? C SF4 . ? A SF4 57 ? 1_555 120.2 ? 
33 S1 ? C SF4 .  ? A SF4 57 ? 1_555 FE2 ? C SF4 . ? A SF4 57 ? 1_555 S3 ? C SF4 . ? A SF4 57 ? 1_555 100.6 ? 
34 SG ? A CYS 39 ? A CYS 39 ? 1_555 FE2 ? C SF4 . ? A SF4 57 ? 1_555 S4 ? C SF4 . ? A SF4 57 ? 1_555 118.4 ? 
35 S1 ? C SF4 .  ? A SF4 57 ? 1_555 FE2 ? C SF4 . ? A SF4 57 ? 1_555 S4 ? C SF4 . ? A SF4 57 ? 1_555 110.6 ? 
36 S3 ? C SF4 .  ? A SF4 57 ? 1_555 FE2 ? C SF4 . ? A SF4 57 ? 1_555 S4 ? C SF4 . ? A SF4 57 ? 1_555 104.0 ? 
37 SG ? A CYS 42 ? A CYS 42 ? 1_555 FE4 ? C SF4 . ? A SF4 57 ? 1_555 S1 ? C SF4 . ? A SF4 57 ? 1_555 111.6 ? 
38 SG ? A CYS 42 ? A CYS 42 ? 1_555 FE4 ? C SF4 . ? A SF4 57 ? 1_555 S2 ? C SF4 . ? A SF4 57 ? 1_555 123.4 ? 
39 S1 ? C SF4 .  ? A SF4 57 ? 1_555 FE4 ? C SF4 . ? A SF4 57 ? 1_555 S2 ? C SF4 . ? A SF4 57 ? 1_555 104.3 ? 
40 SG ? A CYS 42 ? A CYS 42 ? 1_555 FE4 ? C SF4 . ? A SF4 57 ? 1_555 S3 ? C SF4 . ? A SF4 57 ? 1_555 106.4 ? 
41 S1 ? C SF4 .  ? A SF4 57 ? 1_555 FE4 ? C SF4 . ? A SF4 57 ? 1_555 S3 ? C SF4 . ? A SF4 57 ? 1_555 102.7 ? 
42 S2 ? C SF4 .  ? A SF4 57 ? 1_555 FE4 ? C SF4 . ? A SF4 57 ? 1_555 S3 ? C SF4 . ? A SF4 57 ? 1_555 106.4 ? 
43 SG ? A CYS 46 ? A CYS 46 ? 1_555 FE3 ? B SF4 . ? A SF4 56 ? 1_555 S1 ? B SF4 . ? A SF4 56 ? 1_555 116.5 ? 
44 SG ? A CYS 46 ? A CYS 46 ? 1_555 FE3 ? B SF4 . ? A SF4 56 ? 1_555 S2 ? B SF4 . ? A SF4 56 ? 1_555 118.6 ? 
45 S1 ? B SF4 .  ? A SF4 56 ? 1_555 FE3 ? B SF4 . ? A SF4 56 ? 1_555 S2 ? B SF4 . ? A SF4 56 ? 1_555 101.5 ? 
46 SG ? A CYS 46 ? A CYS 46 ? 1_555 FE3 ? B SF4 . ? A SF4 56 ? 1_555 S4 ? B SF4 . ? A SF4 56 ? 1_555 108.9 ? 
47 S1 ? B SF4 .  ? A SF4 56 ? 1_555 FE3 ? B SF4 . ? A SF4 56 ? 1_555 S4 ? B SF4 . ? A SF4 56 ? 1_555 108.0 ? 
48 S2 ? B SF4 .  ? A SF4 56 ? 1_555 FE3 ? B SF4 . ? A SF4 56 ? 1_555 S4 ? B SF4 . ? A SF4 56 ? 1_555 101.9 ? 
# 
loop_
_struct_sheet.id 
_struct_sheet.type 
_struct_sheet.number_strands 
_struct_sheet.details 
A ? 2 ? 
B ? 2 ? 
# 
loop_
_struct_sheet_order.sheet_id 
_struct_sheet_order.range_id_1 
_struct_sheet_order.range_id_2 
_struct_sheet_order.offset 
_struct_sheet_order.sense 
A 1 2 ? anti-parallel 
B 1 2 ? anti-parallel 
# 
loop_
_struct_sheet_range.sheet_id 
_struct_sheet_range.id 
_struct_sheet_range.beg_label_comp_id 
_struct_sheet_range.beg_label_asym_id 
_struct_sheet_range.beg_label_seq_id 
_struct_sheet_range.pdbx_beg_PDB_ins_code 
_struct_sheet_range.end_label_comp_id 
_struct_sheet_range.end_label_asym_id 
_struct_sheet_range.end_label_seq_id 
_struct_sheet_range.pdbx_end_PDB_ins_code 
_struct_sheet_range.beg_auth_comp_id 
_struct_sheet_range.beg_auth_asym_id 
_struct_sheet_range.beg_auth_seq_id 
_struct_sheet_range.end_auth_comp_id 
_struct_sheet_range.end_auth_asym_id 
_struct_sheet_range.end_auth_seq_id 
A 1 TYR A 2  ? ILE A 4  ? TYR A 2  ILE A 4  
A 2 PRO A 51 ? PRO A 53 ? PRO A 51 PRO A 53 
B 1 ILE A 23 ? GLN A 24 ? ILE A 23 GLN A 24 
B 2 ALA A 30 ? ILE A 31 ? ALA A 30 ILE A 31 
# 
loop_
_pdbx_struct_sheet_hbond.sheet_id 
_pdbx_struct_sheet_hbond.range_id_1 
_pdbx_struct_sheet_hbond.range_id_2 
_pdbx_struct_sheet_hbond.range_1_label_atom_id 
_pdbx_struct_sheet_hbond.range_1_label_comp_id 
_pdbx_struct_sheet_hbond.range_1_label_asym_id 
_pdbx_struct_sheet_hbond.range_1_label_seq_id 
_pdbx_struct_sheet_hbond.range_1_PDB_ins_code 
_pdbx_struct_sheet_hbond.range_1_auth_atom_id 
_pdbx_struct_sheet_hbond.range_1_auth_comp_id 
_pdbx_struct_sheet_hbond.range_1_auth_asym_id 
_pdbx_struct_sheet_hbond.range_1_auth_seq_id 
_pdbx_struct_sheet_hbond.range_2_label_atom_id 
_pdbx_struct_sheet_hbond.range_2_label_comp_id 
_pdbx_struct_sheet_hbond.range_2_label_asym_id 
_pdbx_struct_sheet_hbond.range_2_label_seq_id 
_pdbx_struct_sheet_hbond.range_2_PDB_ins_code 
_pdbx_struct_sheet_hbond.range_2_auth_atom_id 
_pdbx_struct_sheet_hbond.range_2_auth_comp_id 
_pdbx_struct_sheet_hbond.range_2_auth_asym_id 
_pdbx_struct_sheet_hbond.range_2_auth_seq_id 
A 1 2 N VAL A 3  ? N VAL A 3  O ASN A 52 ? O ASN A 52 
B 1 2 N GLN A 24 ? N GLN A 24 O ALA A 30 ? O ALA A 30 
# 
loop_
_struct_site.id 
_struct_site.pdbx_evidence_code 
_struct_site.pdbx_auth_asym_id 
_struct_site.pdbx_auth_comp_id 
_struct_site.pdbx_auth_seq_id 
_struct_site.pdbx_auth_ins_code 
_struct_site.pdbx_num_residues 
_struct_site.details 
AC1 Software A SF4 56 ? 7 'BINDING SITE FOR RESIDUE SF4 A 56' 
AC2 Software A SF4 57 ? 8 'BINDING SITE FOR RESIDUE SF4 A 57' 
# 
loop_
_struct_site_gen.id 
_struct_site_gen.site_id 
_struct_site_gen.pdbx_num_res 
_struct_site_gen.label_comp_id 
_struct_site_gen.label_asym_id 
_struct_site_gen.label_seq_id 
_struct_site_gen.pdbx_auth_ins_code 
_struct_site_gen.auth_comp_id 
_struct_site_gen.auth_asym_id 
_struct_site_gen.auth_seq_id 
_struct_site_gen.label_atom_id 
_struct_site_gen.label_alt_id 
_struct_site_gen.symmetry 
_struct_site_gen.details 
1  AC1 7 CYS A 8  ? CYS A 8  . ? 1_555 ? 
2  AC1 7 ILE A 9  ? ILE A 9  . ? 1_555 ? 
3  AC1 7 CYS A 11 ? CYS A 11 . ? 1_555 ? 
4  AC1 7 GLY A 12 ? GLY A 12 . ? 1_555 ? 
5  AC1 7 CYS A 14 ? CYS A 14 . ? 1_555 ? 
6  AC1 7 CYS A 46 ? CYS A 46 . ? 1_555 ? 
7  AC1 7 VAL A 48 ? VAL A 48 . ? 1_555 ? 
8  AC2 8 CYS A 18 ? CYS A 18 . ? 1_555 ? 
9  AC2 8 CYS A 22 ? CYS A 22 . ? 1_555 ? 
10 AC2 8 ILE A 31 ? ILE A 31 . ? 1_555 ? 
11 AC2 8 CYS A 36 ? CYS A 36 . ? 1_555 ? 
12 AC2 8 ILE A 37 ? ILE A 37 . ? 1_555 ? 
13 AC2 8 CYS A 39 ? CYS A 39 . ? 1_555 ? 
14 AC2 8 GLY A 40 ? GLY A 40 . ? 1_555 ? 
15 AC2 8 CYS A 42 ? CYS A 42 . ? 1_555 ? 
# 
_pdbx_validate_close_contact.id               1 
_pdbx_validate_close_contact.PDB_model_num    1 
_pdbx_validate_close_contact.auth_atom_id_1   O 
_pdbx_validate_close_contact.auth_asym_id_1   A 
_pdbx_validate_close_contact.auth_comp_id_1   HOH 
_pdbx_validate_close_contact.auth_seq_id_1    1005 
_pdbx_validate_close_contact.PDB_ins_code_1   ? 
_pdbx_validate_close_contact.label_alt_id_1   ? 
_pdbx_validate_close_contact.auth_atom_id_2   O 
_pdbx_validate_close_contact.auth_asym_id_2   A 
_pdbx_validate_close_contact.auth_comp_id_2   HOH 
_pdbx_validate_close_contact.auth_seq_id_2    1055 
_pdbx_validate_close_contact.PDB_ins_code_2   ? 
_pdbx_validate_close_contact.label_alt_id_2   ? 
_pdbx_validate_close_contact.dist             2.19 
# 
loop_
_chem_comp_atom.comp_id 
_chem_comp_atom.atom_id 
_chem_comp_atom.type_symbol 
_chem_comp_atom.pdbx_aromatic_flag 
_chem_comp_atom.pdbx_stereo_config 
_chem_comp_atom.pdbx_ordinal 
ALA N    N  N N 1   
ALA CA   C  N S 2   
ALA C    C  N N 3   
ALA O    O  N N 4   
ALA CB   C  N N 5   
ALA OXT  O  N N 6   
ALA H    H  N N 7   
ALA H2   H  N N 8   
ALA HA   H  N N 9   
ALA HB1  H  N N 10  
ALA HB2  H  N N 11  
ALA HB3  H  N N 12  
ALA HXT  H  N N 13  
ASN N    N  N N 14  
ASN CA   C  N S 15  
ASN C    C  N N 16  
ASN O    O  N N 17  
ASN CB   C  N N 18  
ASN CG   C  N N 19  
ASN OD1  O  N N 20  
ASN ND2  N  N N 21  
ASN OXT  O  N N 22  
ASN H    H  N N 23  
ASN H2   H  N N 24  
ASN HA   H  N N 25  
ASN HB2  H  N N 26  
ASN HB3  H  N N 27  
ASN HD21 H  N N 28  
ASN HD22 H  N N 29  
ASN HXT  H  N N 30  
ASP N    N  N N 31  
ASP CA   C  N S 32  
ASP C    C  N N 33  
ASP O    O  N N 34  
ASP CB   C  N N 35  
ASP CG   C  N N 36  
ASP OD1  O  N N 37  
ASP OD2  O  N N 38  
ASP OXT  O  N N 39  
ASP H    H  N N 40  
ASP H2   H  N N 41  
ASP HA   H  N N 42  
ASP HB2  H  N N 43  
ASP HB3  H  N N 44  
ASP HD2  H  N N 45  
ASP HXT  H  N N 46  
CYS N    N  N N 47  
CYS CA   C  N R 48  
CYS C    C  N N 49  
CYS O    O  N N 50  
CYS CB   C  N N 51  
CYS SG   S  N N 52  
CYS OXT  O  N N 53  
CYS H    H  N N 54  
CYS H2   H  N N 55  
CYS HA   H  N N 56  
CYS HB2  H  N N 57  
CYS HB3  H  N N 58  
CYS HG   H  N N 59  
CYS HXT  H  N N 60  
GLN N    N  N N 61  
GLN CA   C  N S 62  
GLN C    C  N N 63  
GLN O    O  N N 64  
GLN CB   C  N N 65  
GLN CG   C  N N 66  
GLN CD   C  N N 67  
GLN OE1  O  N N 68  
GLN NE2  N  N N 69  
GLN OXT  O  N N 70  
GLN H    H  N N 71  
GLN H2   H  N N 72  
GLN HA   H  N N 73  
GLN HB2  H  N N 74  
GLN HB3  H  N N 75  
GLN HG2  H  N N 76  
GLN HG3  H  N N 77  
GLN HE21 H  N N 78  
GLN HE22 H  N N 79  
GLN HXT  H  N N 80  
GLU N    N  N N 81  
GLU CA   C  N S 82  
GLU C    C  N N 83  
GLU O    O  N N 84  
GLU CB   C  N N 85  
GLU CG   C  N N 86  
GLU CD   C  N N 87  
GLU OE1  O  N N 88  
GLU OE2  O  N N 89  
GLU OXT  O  N N 90  
GLU H    H  N N 91  
GLU H2   H  N N 92  
GLU HA   H  N N 93  
GLU HB2  H  N N 94  
GLU HB3  H  N N 95  
GLU HG2  H  N N 96  
GLU HG3  H  N N 97  
GLU HE2  H  N N 98  
GLU HXT  H  N N 99  
GLY N    N  N N 100 
GLY CA   C  N N 101 
GLY C    C  N N 102 
GLY O    O  N N 103 
GLY OXT  O  N N 104 
GLY H    H  N N 105 
GLY H2   H  N N 106 
GLY HA2  H  N N 107 
GLY HA3  H  N N 108 
GLY HXT  H  N N 109 
HOH O    O  N N 110 
HOH H1   H  N N 111 
HOH H2   H  N N 112 
ILE N    N  N N 113 
ILE CA   C  N S 114 
ILE C    C  N N 115 
ILE O    O  N N 116 
ILE CB   C  N S 117 
ILE CG1  C  N N 118 
ILE CG2  C  N N 119 
ILE CD1  C  N N 120 
ILE OXT  O  N N 121 
ILE H    H  N N 122 
ILE H2   H  N N 123 
ILE HA   H  N N 124 
ILE HB   H  N N 125 
ILE HG12 H  N N 126 
ILE HG13 H  N N 127 
ILE HG21 H  N N 128 
ILE HG22 H  N N 129 
ILE HG23 H  N N 130 
ILE HD11 H  N N 131 
ILE HD12 H  N N 132 
ILE HD13 H  N N 133 
ILE HXT  H  N N 134 
LYS N    N  N N 135 
LYS CA   C  N S 136 
LYS C    C  N N 137 
LYS O    O  N N 138 
LYS CB   C  N N 139 
LYS CG   C  N N 140 
LYS CD   C  N N 141 
LYS CE   C  N N 142 
LYS NZ   N  N N 143 
LYS OXT  O  N N 144 
LYS H    H  N N 145 
LYS H2   H  N N 146 
LYS HA   H  N N 147 
LYS HB2  H  N N 148 
LYS HB3  H  N N 149 
LYS HG2  H  N N 150 
LYS HG3  H  N N 151 
LYS HD2  H  N N 152 
LYS HD3  H  N N 153 
LYS HE2  H  N N 154 
LYS HE3  H  N N 155 
LYS HZ1  H  N N 156 
LYS HZ2  H  N N 157 
LYS HZ3  H  N N 158 
LYS HXT  H  N N 159 
PRO N    N  N N 160 
PRO CA   C  N S 161 
PRO C    C  N N 162 
PRO O    O  N N 163 
PRO CB   C  N N 164 
PRO CG   C  N N 165 
PRO CD   C  N N 166 
PRO OXT  O  N N 167 
PRO H    H  N N 168 
PRO HA   H  N N 169 
PRO HB2  H  N N 170 
PRO HB3  H  N N 171 
PRO HG2  H  N N 172 
PRO HG3  H  N N 173 
PRO HD2  H  N N 174 
PRO HD3  H  N N 175 
PRO HXT  H  N N 176 
SER N    N  N N 177 
SER CA   C  N S 178 
SER C    C  N N 179 
SER O    O  N N 180 
SER CB   C  N N 181 
SER OG   O  N N 182 
SER OXT  O  N N 183 
SER H    H  N N 184 
SER H2   H  N N 185 
SER HA   H  N N 186 
SER HB2  H  N N 187 
SER HB3  H  N N 188 
SER HG   H  N N 189 
SER HXT  H  N N 190 
SF4 FE1  FE N N 191 
SF4 FE2  FE N N 192 
SF4 FE3  FE N N 193 
SF4 FE4  FE N N 194 
SF4 S1   S  N N 195 
SF4 S2   S  N N 196 
SF4 S3   S  N N 197 
SF4 S4   S  N N 198 
TYR N    N  N N 199 
TYR CA   C  N S 200 
TYR C    C  N N 201 
TYR O    O  N N 202 
TYR CB   C  N N 203 
TYR CG   C  Y N 204 
TYR CD1  C  Y N 205 
TYR CD2  C  Y N 206 
TYR CE1  C  Y N 207 
TYR CE2  C  Y N 208 
TYR CZ   C  Y N 209 
TYR OH   O  N N 210 
TYR OXT  O  N N 211 
TYR H    H  N N 212 
TYR H2   H  N N 213 
TYR HA   H  N N 214 
TYR HB2  H  N N 215 
TYR HB3  H  N N 216 
TYR HD1  H  N N 217 
TYR HD2  H  N N 218 
TYR HE1  H  N N 219 
TYR HE2  H  N N 220 
TYR HH   H  N N 221 
TYR HXT  H  N N 222 
VAL N    N  N N 223 
VAL CA   C  N S 224 
VAL C    C  N N 225 
VAL O    O  N N 226 
VAL CB   C  N N 227 
VAL CG1  C  N N 228 
VAL CG2  C  N N 229 
VAL OXT  O  N N 230 
VAL H    H  N N 231 
VAL H2   H  N N 232 
VAL HA   H  N N 233 
VAL HB   H  N N 234 
VAL HG11 H  N N 235 
VAL HG12 H  N N 236 
VAL HG13 H  N N 237 
VAL HG21 H  N N 238 
VAL HG22 H  N N 239 
VAL HG23 H  N N 240 
VAL HXT  H  N N 241 
# 
loop_
_chem_comp_bond.comp_id 
_chem_comp_bond.atom_id_1 
_chem_comp_bond.atom_id_2 
_chem_comp_bond.value_order 
_chem_comp_bond.pdbx_aromatic_flag 
_chem_comp_bond.pdbx_stereo_config 
_chem_comp_bond.pdbx_ordinal 
ALA N   CA   sing N N 1   
ALA N   H    sing N N 2   
ALA N   H2   sing N N 3   
ALA CA  C    sing N N 4   
ALA CA  CB   sing N N 5   
ALA CA  HA   sing N N 6   
ALA C   O    doub N N 7   
ALA C   OXT  sing N N 8   
ALA CB  HB1  sing N N 9   
ALA CB  HB2  sing N N 10  
ALA CB  HB3  sing N N 11  
ALA OXT HXT  sing N N 12  
ASN N   CA   sing N N 13  
ASN N   H    sing N N 14  
ASN N   H2   sing N N 15  
ASN CA  C    sing N N 16  
ASN CA  CB   sing N N 17  
ASN CA  HA   sing N N 18  
ASN C   O    doub N N 19  
ASN C   OXT  sing N N 20  
ASN CB  CG   sing N N 21  
ASN CB  HB2  sing N N 22  
ASN CB  HB3  sing N N 23  
ASN CG  OD1  doub N N 24  
ASN CG  ND2  sing N N 25  
ASN ND2 HD21 sing N N 26  
ASN ND2 HD22 sing N N 27  
ASN OXT HXT  sing N N 28  
ASP N   CA   sing N N 29  
ASP N   H    sing N N 30  
ASP N   H2   sing N N 31  
ASP CA  C    sing N N 32  
ASP CA  CB   sing N N 33  
ASP CA  HA   sing N N 34  
ASP C   O    doub N N 35  
ASP C   OXT  sing N N 36  
ASP CB  CG   sing N N 37  
ASP CB  HB2  sing N N 38  
ASP CB  HB3  sing N N 39  
ASP CG  OD1  doub N N 40  
ASP CG  OD2  sing N N 41  
ASP OD2 HD2  sing N N 42  
ASP OXT HXT  sing N N 43  
CYS N   CA   sing N N 44  
CYS N   H    sing N N 45  
CYS N   H2   sing N N 46  
CYS CA  C    sing N N 47  
CYS CA  CB   sing N N 48  
CYS CA  HA   sing N N 49  
CYS C   O    doub N N 50  
CYS C   OXT  sing N N 51  
CYS CB  SG   sing N N 52  
CYS CB  HB2  sing N N 53  
CYS CB  HB3  sing N N 54  
CYS SG  HG   sing N N 55  
CYS OXT HXT  sing N N 56  
GLN N   CA   sing N N 57  
GLN N   H    sing N N 58  
GLN N   H2   sing N N 59  
GLN CA  C    sing N N 60  
GLN CA  CB   sing N N 61  
GLN CA  HA   sing N N 62  
GLN C   O    doub N N 63  
GLN C   OXT  sing N N 64  
GLN CB  CG   sing N N 65  
GLN CB  HB2  sing N N 66  
GLN CB  HB3  sing N N 67  
GLN CG  CD   sing N N 68  
GLN CG  HG2  sing N N 69  
GLN CG  HG3  sing N N 70  
GLN CD  OE1  doub N N 71  
GLN CD  NE2  sing N N 72  
GLN NE2 HE21 sing N N 73  
GLN NE2 HE22 sing N N 74  
GLN OXT HXT  sing N N 75  
GLU N   CA   sing N N 76  
GLU N   H    sing N N 77  
GLU N   H2   sing N N 78  
GLU CA  C    sing N N 79  
GLU CA  CB   sing N N 80  
GLU CA  HA   sing N N 81  
GLU C   O    doub N N 82  
GLU C   OXT  sing N N 83  
GLU CB  CG   sing N N 84  
GLU CB  HB2  sing N N 85  
GLU CB  HB3  sing N N 86  
GLU CG  CD   sing N N 87  
GLU CG  HG2  sing N N 88  
GLU CG  HG3  sing N N 89  
GLU CD  OE1  doub N N 90  
GLU CD  OE2  sing N N 91  
GLU OE2 HE2  sing N N 92  
GLU OXT HXT  sing N N 93  
GLY N   CA   sing N N 94  
GLY N   H    sing N N 95  
GLY N   H2   sing N N 96  
GLY CA  C    sing N N 97  
GLY CA  HA2  sing N N 98  
GLY CA  HA3  sing N N 99  
GLY C   O    doub N N 100 
GLY C   OXT  sing N N 101 
GLY OXT HXT  sing N N 102 
HOH O   H1   sing N N 103 
HOH O   H2   sing N N 104 
ILE N   CA   sing N N 105 
ILE N   H    sing N N 106 
ILE N   H2   sing N N 107 
ILE CA  C    sing N N 108 
ILE CA  CB   sing N N 109 
ILE CA  HA   sing N N 110 
ILE C   O    doub N N 111 
ILE C   OXT  sing N N 112 
ILE CB  CG1  sing N N 113 
ILE CB  CG2  sing N N 114 
ILE CB  HB   sing N N 115 
ILE CG1 CD1  sing N N 116 
ILE CG1 HG12 sing N N 117 
ILE CG1 HG13 sing N N 118 
ILE CG2 HG21 sing N N 119 
ILE CG2 HG22 sing N N 120 
ILE CG2 HG23 sing N N 121 
ILE CD1 HD11 sing N N 122 
ILE CD1 HD12 sing N N 123 
ILE CD1 HD13 sing N N 124 
ILE OXT HXT  sing N N 125 
LYS N   CA   sing N N 126 
LYS N   H    sing N N 127 
LYS N   H2   sing N N 128 
LYS CA  C    sing N N 129 
LYS CA  CB   sing N N 130 
LYS CA  HA   sing N N 131 
LYS C   O    doub N N 132 
LYS C   OXT  sing N N 133 
LYS CB  CG   sing N N 134 
LYS CB  HB2  sing N N 135 
LYS CB  HB3  sing N N 136 
LYS CG  CD   sing N N 137 
LYS CG  HG2  sing N N 138 
LYS CG  HG3  sing N N 139 
LYS CD  CE   sing N N 140 
LYS CD  HD2  sing N N 141 
LYS CD  HD3  sing N N 142 
LYS CE  NZ   sing N N 143 
LYS CE  HE2  sing N N 144 
LYS CE  HE3  sing N N 145 
LYS NZ  HZ1  sing N N 146 
LYS NZ  HZ2  sing N N 147 
LYS NZ  HZ3  sing N N 148 
LYS OXT HXT  sing N N 149 
PRO N   CA   sing N N 150 
PRO N   CD   sing N N 151 
PRO N   H    sing N N 152 
PRO CA  C    sing N N 153 
PRO CA  CB   sing N N 154 
PRO CA  HA   sing N N 155 
PRO C   O    doub N N 156 
PRO C   OXT  sing N N 157 
PRO CB  CG   sing N N 158 
PRO CB  HB2  sing N N 159 
PRO CB  HB3  sing N N 160 
PRO CG  CD   sing N N 161 
PRO CG  HG2  sing N N 162 
PRO CG  HG3  sing N N 163 
PRO CD  HD2  sing N N 164 
PRO CD  HD3  sing N N 165 
PRO OXT HXT  sing N N 166 
SER N   CA   sing N N 167 
SER N   H    sing N N 168 
SER N   H2   sing N N 169 
SER CA  C    sing N N 170 
SER CA  CB   sing N N 171 
SER CA  HA   sing N N 172 
SER C   O    doub N N 173 
SER C   OXT  sing N N 174 
SER CB  OG   sing N N 175 
SER CB  HB2  sing N N 176 
SER CB  HB3  sing N N 177 
SER OG  HG   sing N N 178 
SER OXT HXT  sing N N 179 
SF4 FE1 S2   sing N N 180 
SF4 FE1 S3   sing N N 181 
SF4 FE1 S4   sing N N 182 
SF4 FE2 S1   sing N N 183 
SF4 FE2 S3   sing N N 184 
SF4 FE2 S4   sing N N 185 
SF4 FE3 S1   sing N N 186 
SF4 FE3 S2   sing N N 187 
SF4 FE3 S4   sing N N 188 
SF4 FE4 S1   sing N N 189 
SF4 FE4 S2   sing N N 190 
SF4 FE4 S3   sing N N 191 
TYR N   CA   sing N N 192 
TYR N   H    sing N N 193 
TYR N   H2   sing N N 194 
TYR CA  C    sing N N 195 
TYR CA  CB   sing N N 196 
TYR CA  HA   sing N N 197 
TYR C   O    doub N N 198 
TYR C   OXT  sing N N 199 
TYR CB  CG   sing N N 200 
TYR CB  HB2  sing N N 201 
TYR CB  HB3  sing N N 202 
TYR CG  CD1  doub Y N 203 
TYR CG  CD2  sing Y N 204 
TYR CD1 CE1  sing Y N 205 
TYR CD1 HD1  sing N N 206 
TYR CD2 CE2  doub Y N 207 
TYR CD2 HD2  sing N N 208 
TYR CE1 CZ   doub Y N 209 
TYR CE1 HE1  sing N N 210 
TYR CE2 CZ   sing Y N 211 
TYR CE2 HE2  sing N N 212 
TYR CZ  OH   sing N N 213 
TYR OH  HH   sing N N 214 
TYR OXT HXT  sing N N 215 
VAL N   CA   sing N N 216 
VAL N   H    sing N N 217 
VAL N   H2   sing N N 218 
VAL CA  C    sing N N 219 
VAL CA  CB   sing N N 220 
VAL CA  HA   sing N N 221 
VAL C   O    doub N N 222 
VAL C   OXT  sing N N 223 
VAL CB  CG1  sing N N 224 
VAL CB  CG2  sing N N 225 
VAL CB  HB   sing N N 226 
VAL CG1 HG11 sing N N 227 
VAL CG1 HG12 sing N N 228 
VAL CG1 HG13 sing N N 229 
VAL CG2 HG21 sing N N 230 
VAL CG2 HG22 sing N N 231 
VAL CG2 HG23 sing N N 232 
VAL OXT HXT  sing N N 233 
# 
_atom_sites.entry_id                    1DUR 
_atom_sites.fract_transf_matrix[1][1]   0.00218196 
_atom_sites.fract_transf_matrix[1][2]   -0.02524068 
_atom_sites.fract_transf_matrix[1][3]   -0.02077721 
_atom_sites.fract_transf_matrix[2][1]   0.02521854 
_atom_sites.fract_transf_matrix[2][2]   0.00634043 
_atom_sites.fract_transf_matrix[2][3]   -0.00505413 
_atom_sites.fract_transf_matrix[3][1]   0.00758847 
_atom_sites.fract_transf_matrix[3][2]   -0.01501104 
_atom_sites.fract_transf_matrix[3][3]   0.01903270 
_atom_sites.fract_transf_vector[1]      0.870384 
_atom_sites.fract_transf_vector[2]      0.105671 
_atom_sites.fract_transf_vector[3]      0.383432 
# 
loop_
_atom_type.symbol 
C  
FE 
N  
O  
S  
# 
loop_
_atom_site.group_PDB 
_atom_site.id 
_atom_site.type_symbol 
_atom_site.label_atom_id 
_atom_site.label_alt_id 
_atom_site.label_comp_id 
_atom_site.label_asym_id 
_atom_site.label_entity_id 
_atom_site.label_seq_id 
_atom_site.pdbx_PDB_ins_code 
_atom_site.Cartn_x 
_atom_site.Cartn_y 
_atom_site.Cartn_z 
_atom_site.occupancy 
_atom_site.B_iso_or_equiv 
_atom_site.pdbx_formal_charge 
_atom_site.auth_seq_id 
_atom_site.auth_comp_id 
_atom_site.auth_asym_id 
_atom_site.auth_atom_id 
_atom_site.pdbx_PDB_model_num 
ATOM   1   N  N   . ALA A 1 1  ? -5.920  5.601   7.553   1.00  6.98  ? 1    ALA A N   1 
ATOM   2   C  CA  . ALA A 1 1  ? -5.522  4.593   6.540   1.00  6.84  ? 1    ALA A CA  1 
ATOM   3   C  C   . ALA A 1 1  ? -4.461  5.184   5.636   1.00  7.18  ? 1    ALA A C   1 
ATOM   4   O  O   . ALA A 1 1  ? -4.271  6.397   5.597   1.00  7.42  ? 1    ALA A O   1 
ATOM   5   C  CB  . ALA A 1 1  ? -6.724  4.155   5.706   1.00  7.89  ? 1    ALA A CB  1 
ATOM   6   N  N   . TYR A 1 2  ? -3.744  4.309   4.957   1.00  6.50  ? 2    TYR A N   1 
ATOM   7   C  CA  . TYR A 1 2  ? -2.755  4.737   3.994   1.00  6.80  ? 2    TYR A CA  1 
ATOM   8   C  C   . TYR A 1 2  ? -3.434  4.680   2.624   1.00  7.08  ? 2    TYR A C   1 
ATOM   9   O  O   . TYR A 1 2  ? -4.475  4.023   2.471   1.00  7.27  ? 2    TYR A O   1 
ATOM   10  C  CB  . TYR A 1 2  ? -1.565  3.775   3.995   1.00  6.75  ? 2    TYR A CB  1 
ATOM   11  C  CG  . TYR A 1 2  ? -0.441  4.166   4.922   1.00  7.84  ? 2    TYR A CG  1 
ATOM   12  C  CD1 . TYR A 1 2  ? -0.675  4.427   6.282   1.00  8.33  ? 2    TYR A CD1 1 
ATOM   13  C  CD2 . TYR A 1 2  ? 0.867   4.290   4.452   1.00  8.14  ? 2    TYR A CD2 1 
ATOM   14  C  CE1 . TYR A 1 2  ? 0.368   4.777   7.144   1.00  7.68  ? 2    TYR A CE1 1 
ATOM   15  C  CE2 . TYR A 1 2  ? 1.907   4.641   5.291   1.00  8.37  ? 2    TYR A CE2 1 
ATOM   16  C  CZ  . TYR A 1 2  ? 1.650   4.901   6.637   1.00  8.18  ? 2    TYR A CZ  1 
ATOM   17  O  OH  . TYR A 1 2  ? 2.681   5.326   7.464   1.00  10.52 ? 2    TYR A OH  1 
ATOM   18  N  N   . VAL A 1 3  ? -2.845  5.346   1.654   1.00  6.02  ? 3    VAL A N   1 
ATOM   19  C  CA  . VAL A 1 3  ? -3.337  5.353   0.286   1.00  6.73  ? 3    VAL A CA  1 
ATOM   20  C  C   . VAL A 1 3  ? -2.134  5.189   -0.652  1.00  7.23  ? 3    VAL A C   1 
ATOM   21  O  O   . VAL A 1 3  ? -1.050  5.708   -0.375  1.00  7.11  ? 3    VAL A O   1 
ATOM   22  C  CB  . VAL A 1 3  ? -4.116  6.647   -0.051  1.00  6.51  ? 3    VAL A CB  1 
ATOM   23  C  CG1 . VAL A 1 3  ? -3.260  7.868   0.197   1.00  6.19  ? 3    VAL A CG1 1 
ATOM   24  C  CG2 . VAL A 1 3  ? -4.608  6.622   -1.488  1.00  7.29  ? 3    VAL A CG2 1 
ATOM   25  N  N   . ILE A 1 4  ? -2.296  4.403   -1.710  1.00  7.37  ? 4    ILE A N   1 
ATOM   26  C  CA  . ILE A 1 4  ? -1.227  4.182   -2.687  1.00  6.17  ? 4    ILE A CA  1 
ATOM   27  C  C   . ILE A 1 4  ? -1.458  5.240   -3.792  1.00  7.61  ? 4    ILE A C   1 
ATOM   28  O  O   . ILE A 1 4  ? -2.500  5.246   -4.452  1.00  7.46  ? 4    ILE A O   1 
ATOM   29  C  CB  . ILE A 1 4  ? -1.248  2.728   -3.227  1.00  5.48  ? 4    ILE A CB  1 
ATOM   30  C  CG1 . ILE A 1 4  ? -0.817  1.753   -2.101  1.00  6.00  ? 4    ILE A CG1 1 
ATOM   31  C  CG2 . ILE A 1 4  ? -0.338  2.564   -4.426  1.00  5.14  ? 4    ILE A CG2 1 
ATOM   32  C  CD1 . ILE A 1 4  ? -0.843  0.283   -2.472  1.00  5.28  ? 4    ILE A CD1 1 
ATOM   33  N  N   . ASN A 1 5  ? -0.505  6.164   -3.912  1.00  8.31  ? 5    ASN A N   1 
ATOM   34  C  CA  . ASN A 1 5  ? -0.628  7.239   -4.890  1.00  9.23  ? 5    ASN A CA  1 
ATOM   35  C  C   . ASN A 1 5  ? -0.241  6.838   -6.344  1.00  9.16  ? 5    ASN A C   1 
ATOM   36  O  O   . ASN A 1 5  ? 0.082   5.680   -6.610  1.00  8.61  ? 5    ASN A O   1 
ATOM   37  C  CB  . ASN A 1 5  ? 0.057   8.528   -4.401  1.00  7.52  ? 5    ASN A CB  1 
ATOM   38  C  CG  . ASN A 1 5  ? 1.568   8.479   -4.404  1.00  10.18 ? 5    ASN A CG  1 
ATOM   39  O  OD1 . ASN A 1 5  ? 2.154   7.869   -5.310  1.00  10.12 ? 5    ASN A OD1 1 
ATOM   40  N  ND2 . ASN A 1 5  ? 2.203   8.984   -3.379  1.00  11.81 ? 5    ASN A ND2 1 
ATOM   41  N  N   . ASP A 1 6  ? -0.328  7.789   -7.266  1.00  9.53  ? 6    ASP A N   1 
ATOM   42  C  CA  . ASP A 1 6  ? -0.038  7.528   -8.676  1.00  12.09 ? 6    ASP A CA  1 
ATOM   43  C  C   . ASP A 1 6  ? 1.357   6.997   -8.999  1.00  12.20 ? 6    ASP A C   1 
ATOM   44  O  O   . ASP A 1 6  ? 1.567   6.476   -10.085 1.00  12.70 ? 6    ASP A O   1 
ATOM   45  C  CB  . ASP A 1 6  ? -0.369  8.774   -9.519  1.00  12.34 ? 6    ASP A CB  1 
ATOM   46  C  CG  . ASP A 1 6  ? 0.600   9.927   -9.279  1.00  14.52 ? 6    ASP A CG  1 
ATOM   47  O  OD1 . ASP A 1 6  ? 0.438   10.696  -8.306  1.00  15.79 ? 6    ASP A OD1 1 
ATOM   48  O  OD2 . ASP A 1 6  ? 1.566   10.066  -10.077 1.00  17.37 ? 6    ASP A OD2 1 
ATOM   49  N  N   . SER A 1 7  ? 2.318   7.144   -8.080  1.00  12.21 ? 7    SER A N   1 
ATOM   50  C  CA  . SER A 1 7  ? 3.684   6.657   -8.291  1.00  12.07 ? 7    SER A CA  1 
ATOM   51  C  C   . SER A 1 7  ? 3.787   5.143   -8.456  1.00  10.59 ? 7    SER A C   1 
ATOM   52  O  O   . SER A 1 7  ? 4.755   4.618   -9.004  1.00  10.68 ? 7    SER A O   1 
ATOM   53  C  CB  . SER A 1 7  ? 4.576   7.037   -7.115  1.00  13.29 ? 7    SER A CB  1 
ATOM   54  O  OG  . SER A 1 7  ? 4.947   8.395   -7.180  1.00  17.91 ? 7    SER A OG  1 
ATOM   55  N  N   . CYS A 1 8  ? 2.790   4.449   -7.921  1.00  8.94  ? 8    CYS A N   1 
ATOM   56  C  CA  . CYS A 1 8  ? 2.791   2.998   -7.972  1.00  8.17  ? 8    CYS A CA  1 
ATOM   57  C  C   . CYS A 1 8  ? 3.148   2.432   -9.346  1.00  8.24  ? 8    CYS A C   1 
ATOM   58  O  O   . CYS A 1 8  ? 2.510   2.753   -10.344 1.00  9.49  ? 8    CYS A O   1 
ATOM   59  C  CB  . CYS A 1 8  ? 1.437   2.462   -7.499  1.00  6.32  ? 8    CYS A CB  1 
ATOM   60  S  SG  . CYS A 1 8  ? 1.425   0.648   -7.396  1.00  5.70  ? 8    CYS A SG  1 
ATOM   61  N  N   . ILE A 1 9  ? 4.138   1.543   -9.350  1.00  7.94  ? 9    ILE A N   1 
ATOM   62  C  CA  . ILE A 1 9  ? 4.591   0.883   -10.578 1.00  8.54  ? 9    ILE A CA  1 
ATOM   63  C  C   . ILE A 1 9  ? 4.188   -0.583  -10.616 1.00  8.91  ? 9    ILE A C   1 
ATOM   64  O  O   . ILE A 1 9  ? 4.728   -1.337  -11.427 1.00  8.55  ? 9    ILE A O   1 
ATOM   65  C  CB  . ILE A 1 9  ? 6.127   0.997   -10.782 1.00  8.87  ? 9    ILE A CB  1 
ATOM   66  C  CG1 . ILE A 1 9  ? 6.893   0.242   -9.681  1.00  8.63  ? 9    ILE A CG1 1 
ATOM   67  C  CG2 . ILE A 1 9  ? 6.540   2.471   -10.844 1.00  10.39 ? 9    ILE A CG2 1 
ATOM   68  C  CD1 . ILE A 1 9  ? 8.375   0.072   -9.955  1.00  8.70  ? 9    ILE A CD1 1 
ATOM   69  N  N   . ALA A 1 10 ? 3.253   -0.979  -9.744  1.00  8.98  ? 10   ALA A N   1 
ATOM   70  C  CA  . ALA A 1 10 ? 2.702   -2.331  -9.632  1.00  9.00  ? 10   ALA A CA  1 
ATOM   71  C  C   . ALA A 1 10 ? 3.702   -3.484  -9.523  1.00  9.93  ? 10   ALA A C   1 
ATOM   72  O  O   . ALA A 1 10 ? 3.527   -4.549  -10.122 1.00  10.43 ? 10   ALA A O   1 
ATOM   73  C  CB  . ALA A 1 10 ? 1.710   -2.605  -10.769 1.00  6.85  ? 10   ALA A CB  1 
ATOM   74  N  N   . CYS A 1 11 ? 4.741   -3.272  -8.724  1.00  10.80 ? 11   CYS A N   1 
ATOM   75  C  CA  . CYS A 1 11 ? 5.764   -4.294  -8.516  1.00  11.78 ? 11   CYS A CA  1 
ATOM   76  C  C   . CYS A 1 11 ? 5.236   -5.481  -7.690  1.00  11.28 ? 11   CYS A C   1 
ATOM   77  O  O   . CYS A 1 11 ? 5.623   -6.624  -7.932  1.00  13.11 ? 11   CYS A O   1 
ATOM   78  C  CB  . CYS A 1 11 ? 6.994   -3.677  -7.851  1.00  10.08 ? 11   CYS A CB  1 
ATOM   79  S  SG  . CYS A 1 11 ? 6.678   -3.044  -6.179  1.00  13.25 ? 11   CYS A SG  1 
ATOM   80  N  N   . GLY A 1 12 ? 4.336   -5.203  -6.749  1.00  11.87 ? 12   GLY A N   1 
ATOM   81  C  CA  . GLY A 1 12 ? 3.794   -6.247  -5.895  1.00  10.78 ? 12   GLY A CA  1 
ATOM   82  C  C   . GLY A 1 12 ? 4.506   -6.466  -4.567  1.00  10.90 ? 12   GLY A C   1 
ATOM   83  O  O   . GLY A 1 12 ? 4.101   -7.326  -3.789  1.00  11.24 ? 12   GLY A O   1 
ATOM   84  N  N   . ALA A 1 13 ? 5.528   -5.680  -4.265  1.00  10.13 ? 13   ALA A N   1 
ATOM   85  C  CA  . ALA A 1 13 ? 6.284   -5.834  -3.023  1.00  9.21  ? 13   ALA A CA  1 
ATOM   86  C  C   . ALA A 1 13 ? 5.494   -5.633  -1.732  1.00  9.39  ? 13   ALA A C   1 
ATOM   87  O  O   . ALA A 1 13 ? 5.690   -6.349  -0.758  1.00  10.41 ? 13   ALA A O   1 
ATOM   88  C  CB  . ALA A 1 13 ? 7.483   -4.896  -3.033  1.00  10.34 ? 13   ALA A CB  1 
ATOM   89  N  N   . CYS A 1 14 ? 4.589   -4.665  -1.735  1.00  7.89  ? 14   CYS A N   1 
ATOM   90  C  CA  . CYS A 1 14 ? 3.809   -4.328  -0.553  1.00  8.05  ? 14   CYS A CA  1 
ATOM   91  C  C   . CYS A 1 14 ? 2.779   -5.350  -0.069  1.00  7.90  ? 14   CYS A C   1 
ATOM   92  O  O   . CYS A 1 14 ? 2.572   -5.504  1.135   1.00  7.94  ? 14   CYS A O   1 
ATOM   93  C  CB  . CYS A 1 14 ? 3.118   -2.981  -0.792  1.00  8.38  ? 14   CYS A CB  1 
ATOM   94  S  SG  . CYS A 1 14 ? 2.073   -3.026  -2.293  1.00  6.50  ? 14   CYS A SG  1 
ATOM   95  N  N   . LYS A 1 15 ? 2.141   -6.056  -0.990  1.00  8.78  ? 15   LYS A N   1 
ATOM   96  C  CA  . LYS A 1 15 ? 1.100   -7.016  -0.635  1.00  10.97 ? 15   LYS A CA  1 
ATOM   97  C  C   . LYS A 1 15 ? 1.520   -8.090  0.383   1.00  12.25 ? 15   LYS A C   1 
ATOM   98  O  O   . LYS A 1 15 ? 0.839   -8.283  1.394   1.00  11.82 ? 15   LYS A O   1 
ATOM   99  C  CB  . LYS A 1 15 ? 0.504   -7.657  -1.897  1.00  11.87 ? 15   LYS A CB  1 
ATOM   100 C  CG  . LYS A 1 15 ? -0.980  -7.935  -1.771  1.00  14.90 ? 15   LYS A CG  1 
ATOM   101 C  CD  . LYS A 1 15 ? -1.573  -8.516  -3.040  1.00  14.20 ? 15   LYS A CD  1 
ATOM   102 C  CE  . LYS A 1 15 ? -2.355  -9.773  -2.709  1.00  14.90 ? 15   LYS A CE  1 
ATOM   103 N  NZ  . LYS A 1 15 ? -3.595  -9.486  -1.940  1.00  17.17 ? 15   LYS A NZ  1 
ATOM   104 N  N   . PRO A 1 16 ? 2.654   -8.763  0.171   1.00  12.43 ? 16   PRO A N   1 
ATOM   105 C  CA  . PRO A 1 16 ? 3.037   -9.786  1.146   1.00  13.25 ? 16   PRO A CA  1 
ATOM   106 C  C   . PRO A 1 16 ? 3.503   -9.199  2.478   1.00  13.29 ? 16   PRO A C   1 
ATOM   107 O  O   . PRO A 1 16 ? 3.639   -9.912  3.461   1.00  13.90 ? 16   PRO A O   1 
ATOM   108 C  CB  . PRO A 1 16 ? 4.189   -10.540 0.472   1.00  14.21 ? 16   PRO A CB  1 
ATOM   109 C  CG  . PRO A 1 16 ? 4.158   -10.100 -0.995  1.00  13.55 ? 16   PRO A CG  1 
ATOM   110 C  CD  . PRO A 1 16 ? 3.655   -8.691  -0.932  1.00  13.35 ? 16   PRO A CD  1 
ATOM   111 N  N   . GLU A 1 17 ? 3.782   -7.901  2.494   1.00  12.84 ? 17   GLU A N   1 
ATOM   112 C  CA  . GLU A 1 17 ? 4.268   -7.251  3.698   1.00  13.22 ? 17   GLU A CA  1 
ATOM   113 C  C   . GLU A 1 17 ? 3.168   -6.698  4.602   1.00  13.12 ? 17   GLU A C   1 
ATOM   114 O  O   . GLU A 1 17 ? 3.448   -6.291  5.736   1.00  12.99 ? 17   GLU A O   1 
ATOM   115 C  CB  . GLU A 1 17 ? 5.249   -6.144  3.316   1.00  14.75 ? 17   GLU A CB  1 
ATOM   116 C  CG  . GLU A 1 17 ? 6.582   -6.665  2.821   1.00  17.77 ? 17   GLU A CG  1 
ATOM   117 C  CD  . GLU A 1 17 ? 7.352   -7.356  3.914   1.00  20.99 ? 17   GLU A CD  1 
ATOM   118 O  OE1 . GLU A 1 17 ? 7.650   -6.701  4.940   1.00  22.95 ? 17   GLU A OE1 1 
ATOM   119 O  OE2 . GLU A 1 17 ? 7.643   -8.562  3.763   1.00  23.16 ? 17   GLU A OE2 1 
ATOM   120 N  N   . CYS A 1 18 ? 1.942   -6.660  4.100   1.00  11.94 ? 18   CYS A N   1 
ATOM   121 C  CA  . CYS A 1 18 ? 0.817   -6.155  4.868   1.00  10.65 ? 18   CYS A CA  1 
ATOM   122 C  C   . CYS A 1 18 ? 0.361   -7.201  5.881   1.00  11.61 ? 18   CYS A C   1 
ATOM   123 O  O   . CYS A 1 18 ? -0.216  -8.230  5.507   1.00  11.13 ? 18   CYS A O   1 
ATOM   124 C  CB  . CYS A 1 18 ? -0.345  -5.812  3.950   1.00  10.05 ? 18   CYS A CB  1 
ATOM   125 S  SG  . CYS A 1 18 ? -1.719  -5.001  4.841   1.00  8.33  ? 18   CYS A SG  1 
ATOM   126 N  N   . PRO A 1 19 ? 0.508   -6.900  7.172   1.00  11.22 ? 19   PRO A N   1 
ATOM   127 C  CA  . PRO A 1 19 ? 0.135   -7.794  8.271   1.00  11.48 ? 19   PRO A CA  1 
ATOM   128 C  C   . PRO A 1 19 ? -1.323  -8.243  8.324   1.00  12.19 ? 19   PRO A C   1 
ATOM   129 O  O   . PRO A 1 19 ? -1.604  -9.298  8.894   1.00  12.06 ? 19   PRO A O   1 
ATOM   130 C  CB  . PRO A 1 19 ? 0.550   -7.011  9.504   1.00  11.10 ? 19   PRO A CB  1 
ATOM   131 C  CG  . PRO A 1 19 ? 0.449   -5.592  9.068   1.00  10.16 ? 19   PRO A CG  1 
ATOM   132 C  CD  . PRO A 1 19 ? 1.060   -5.636  7.709   1.00  10.65 ? 19   PRO A CD  1 
ATOM   133 N  N   . VAL A 1 20 ? -2.248  -7.430  7.791   1.00  12.74 ? 20   VAL A N   1 
ATOM   134 C  CA  . VAL A 1 20 ? -3.672  -7.790  7.797   1.00  12.79 ? 20   VAL A CA  1 
ATOM   135 C  C   . VAL A 1 20 ? -4.183  -8.069  6.393   1.00  14.66 ? 20   VAL A C   1 
ATOM   136 O  O   . VAL A 1 20 ? -5.405  -8.164  6.188   1.00  14.04 ? 20   VAL A O   1 
ATOM   137 C  CB  . VAL A 1 20 ? -4.577  -6.733  8.480   1.00  13.39 ? 20   VAL A CB  1 
ATOM   138 C  CG1 . VAL A 1 20 ? -4.246  -6.620  9.971   1.00  12.51 ? 20   VAL A CG1 1 
ATOM   139 C  CG2 . VAL A 1 20 ? -4.419  -5.383  7.803   1.00  11.77 ? 20   VAL A CG2 1 
ATOM   140 N  N   . ASN A 1 21 ? -3.257  -8.134  5.437   1.00  13.99 ? 21   ASN A N   1 
ATOM   141 C  CA  . ASN A 1 21 ? -3.577  -8.455  4.037   1.00  15.89 ? 21   ASN A CA  1 
ATOM   142 C  C   . ASN A 1 21 ? -4.735  -7.622  3.442   1.00  14.87 ? 21   ASN A C   1 
ATOM   143 O  O   . ASN A 1 21 ? -5.729  -8.169  2.940   1.00  14.21 ? 21   ASN A O   1 
ATOM   144 C  CB  . ASN A 1 21 ? -3.886  -9.954  3.956   1.00  18.48 ? 21   ASN A CB  1 
ATOM   145 C  CG  . ASN A 1 21 ? -3.865  -10.506 2.537   1.00  22.50 ? 21   ASN A CG  1 
ATOM   146 O  OD1 . ASN A 1 21 ? -3.763  -9.766  1.557   1.00  25.68 ? 21   ASN A OD1 1 
ATOM   147 N  ND2 . ASN A 1 21 ? -3.944  -11.825 2.427   1.00  24.51 ? 21   ASN A ND2 1 
ATOM   148 N  N   . CYS A 1 22 ? -4.603  -6.300  3.471   1.00  13.88 ? 22   CYS A N   1 
ATOM   149 C  CA  . CYS A 1 22 ? -5.655  -5.434  2.966   1.00  12.93 ? 22   CYS A CA  1 
ATOM   150 C  C   . CYS A 1 22 ? -5.264  -4.646  1.722   1.00  12.00 ? 22   CYS A C   1 
ATOM   151 O  O   . CYS A 1 22 ? -5.840  -3.589  1.447   1.00  12.53 ? 22   CYS A O   1 
ATOM   152 C  CB  . CYS A 1 22 ? -6.143  -4.499  4.077   1.00  13.10 ? 22   CYS A CB  1 
ATOM   153 S  SG  . CYS A 1 22 ? -4.919  -3.347  4.714   1.00  11.29 ? 22   CYS A SG  1 
ATOM   154 N  N   . ILE A 1 23 ? -4.262  -5.144  1.010   1.00  10.63 ? 23   ILE A N   1 
ATOM   155 C  CA  . ILE A 1 23 ? -3.807  -4.520  -0.241  1.00  10.85 ? 23   ILE A CA  1 
ATOM   156 C  C   . ILE A 1 23 ? -4.258  -5.409  -1.402  1.00  10.06 ? 23   ILE A C   1 
ATOM   157 O  O   . ILE A 1 23 ? -4.155  -6.638  -1.323  1.00  9.96  ? 23   ILE A O   1 
ATOM   158 C  CB  . ILE A 1 23 ? -2.270  -4.322  -0.304  1.00  9.54  ? 23   ILE A CB  1 
ATOM   159 C  CG1 . ILE A 1 23 ? -1.861  -3.249  0.714   1.00  10.61 ? 23   ILE A CG1 1 
ATOM   160 C  CG2 . ILE A 1 23 ? -1.827  -3.902  -1.708  1.00  9.39  ? 23   ILE A CG2 1 
ATOM   161 C  CD1 . ILE A 1 23 ? -0.347  -3.067  0.870   1.00  8.49  ? 23   ILE A CD1 1 
ATOM   162 N  N   . GLN A 1 24 ? -4.848  -4.767  -2.397  1.00  9.82  ? 24   GLN A N   1 
ATOM   163 C  CA  . GLN A 1 24 ? -5.341  -5.420  -3.601  1.00  10.83 ? 24   GLN A CA  1 
ATOM   164 C  C   . GLN A 1 24 ? -4.542  -4.934  -4.810  1.00  10.81 ? 24   GLN A C   1 
ATOM   165 O  O   . GLN A 1 24 ? -4.150  -3.779  -4.905  1.00  10.00 ? 24   GLN A O   1 
ATOM   166 C  CB  . GLN A 1 24 ? -6.831  -5.120  -3.834  1.00  11.52 ? 24   GLN A CB  1 
ATOM   167 C  CG  . GLN A 1 24 ? -7.765  -5.526  -2.685  1.00  14.16 ? 24   GLN A CG  1 
ATOM   168 C  CD  . GLN A 1 24 ? -7.937  -7.034  -2.536  1.00  15.07 ? 24   GLN A CD  1 
ATOM   169 O  OE1 . GLN A 1 24 ? -8.325  -7.514  -1.480  1.00  17.70 ? 24   GLN A OE1 1 
ATOM   170 N  NE2 . GLN A 1 24 ? -7.692  -7.774  -3.602  1.00  15.79 ? 24   GLN A NE2 1 
ATOM   171 N  N   . GLU A 1 25 ? -4.289  -5.871  -5.698  1.00  11.66 ? 25   GLU A N   1 
ATOM   172 C  CA  . GLU A 1 25 ? -3.575  -5.674  -6.946  1.00  14.44 ? 25   GLU A CA  1 
ATOM   173 C  C   . GLU A 1 25 ? -4.497  -4.971  -7.938  1.00  13.71 ? 25   GLU A C   1 
ATOM   174 O  O   . GLU A 1 25 ? -5.711  -5.155  -7.906  1.00  13.92 ? 25   GLU A O   1 
ATOM   175 C  CB  . GLU A 1 25 ? -3.132  -7.051  -7.487  1.00  17.32 ? 25   GLU A CB  1 
ATOM   176 C  CG  . GLU A 1 25 ? -4.187  -8.190  -7.399  1.00  25.45 ? 25   GLU A CG  1 
ATOM   177 C  CD  . GLU A 1 25 ? -4.301  -8.857  -6.007  1.00  29.86 ? 25   GLU A CD  1 
ATOM   178 O  OE1 . GLU A 1 25 ? -3.410  -9.701  -5.694  1.00  32.30 ? 25   GLU A OE1 1 
ATOM   179 O  OE2 . GLU A 1 25 ? -5.283  -8.560  -5.254  1.00  32.00 ? 25   GLU A OE2 1 
ATOM   180 N  N   . GLY A 1 26 ? -3.908  -4.140  -8.783  1.00  12.86 ? 26   GLY A N   1 
ATOM   181 C  CA  . GLY A 1 26 ? -4.639  -3.412  -9.805  1.00  12.63 ? 26   GLY A CA  1 
ATOM   182 C  C   . GLY A 1 26 ? -3.629  -2.725  -10.715 1.00  12.89 ? 26   GLY A C   1 
ATOM   183 O  O   . GLY A 1 26 ? -2.432  -2.954  -10.536 1.00  12.63 ? 26   GLY A O   1 
ATOM   184 N  N   . SER A 1 27 ? -4.092  -1.913  -11.678 1.00  12.72 ? 27   SER A N   1 
ATOM   185 C  CA  . SER A 1 27 ? -3.169  -1.180  -12.577 1.00  12.87 ? 27   SER A CA  1 
ATOM   186 C  C   . SER A 1 27 ? -2.172  -0.490  -11.647 1.00  11.80 ? 27   SER A C   1 
ATOM   187 O  O   . SER A 1 27 ? -0.977  -0.401  -11.931 1.00  13.57 ? 27   SER A O   1 
ATOM   188 C  CB  . SER A 1 27 ? -3.950  -0.172  -13.427 1.00  13.74 ? 27   SER A CB  1 
ATOM   189 N  N   . ILE A 1 28 ? -2.700  0.068   -10.562 1.00  11.96 ? 28   ILE A N   1 
ATOM   190 C  CA  . ILE A 1 28 ? -1.890  0.582   -9.473  1.00  11.39 ? 28   ILE A CA  1 
ATOM   191 C  C   . ILE A 1 28 ? -2.540  -0.159  -8.276  1.00  10.29 ? 28   ILE A C   1 
ATOM   192 O  O   . ILE A 1 28 ? -3.753  -0.434  -8.302  1.00  7.87  ? 28   ILE A O   1 
ATOM   193 C  CB  . ILE A 1 28 ? -1.941  2.115   -9.275  1.00  12.38 ? 28   ILE A CB  1 
ATOM   194 C  CG1 . ILE A 1 28 ? -3.368  2.604   -9.083  1.00  13.19 ? 28   ILE A CG1 1 
ATOM   195 C  CG2 . ILE A 1 28 ? -1.193  2.824   -10.406 1.00  15.03 ? 28   ILE A CG2 1 
ATOM   196 C  CD1 . ILE A 1 28 ? -3.408  3.921   -8.369  1.00  13.16 ? 28   ILE A CD1 1 
ATOM   197 N  N   . TYR A 1 29 ? -1.738  -0.607  -7.323  1.00  9.22  ? 29   TYR A N   1 
ATOM   198 C  CA  . TYR A 1 29 ? -2.288  -1.329  -6.171  1.00  8.66  ? 29   TYR A CA  1 
ATOM   199 C  C   . TYR A 1 29 ? -3.172  -0.410  -5.332  1.00  8.65  ? 29   TYR A C   1 
ATOM   200 O  O   . TYR A 1 29 ? -3.031  0.805   -5.385  1.00  8.36  ? 29   TYR A O   1 
ATOM   201 C  CB  . TYR A 1 29 ? -1.170  -1.947  -5.326  1.00  8.95  ? 29   TYR A CB  1 
ATOM   202 C  CG  . TYR A 1 29 ? -0.637  -3.225  -5.911  1.00  10.11 ? 29   TYR A CG  1 
ATOM   203 C  CD1 . TYR A 1 29 ? -0.337  -3.333  -7.267  1.00  10.77 ? 29   TYR A CD1 1 
ATOM   204 C  CD2 . TYR A 1 29 ? -0.475  -4.357  -5.111  1.00  11.13 ? 29   TYR A CD2 1 
ATOM   205 C  CE1 . TYR A 1 29 ? 0.115   -4.536  -7.816  1.00  11.27 ? 29   TYR A CE1 1 
ATOM   206 C  CE2 . TYR A 1 29 ? -0.035  -5.550  -5.633  1.00  10.90 ? 29   TYR A CE2 1 
ATOM   207 C  CZ  . TYR A 1 29 ? 0.255   -5.643  -6.985  1.00  12.25 ? 29   TYR A CZ  1 
ATOM   208 O  OH  . TYR A 1 29 ? 0.664   -6.853  -7.494  1.00  13.95 ? 29   TYR A OH  1 
ATOM   209 N  N   . ALA A 1 30 ? -4.099  -0.986  -4.567  1.00  8.36  ? 30   ALA A N   1 
ATOM   210 C  CA  . ALA A 1 30 ? -5.010  -0.184  -3.774  1.00  7.97  ? 30   ALA A CA  1 
ATOM   211 C  C   . ALA A 1 30 ? -5.227  -0.771  -2.395  1.00  8.20  ? 30   ALA A C   1 
ATOM   212 O  O   . ALA A 1 30 ? -5.304  -1.988  -2.241  1.00  10.39 ? 30   ALA A O   1 
ATOM   213 C  CB  . ALA A 1 30 ? -6.354  -0.046  -4.500  1.00  7.25  ? 30   ALA A CB  1 
ATOM   214 N  N   . ILE A 1 31 ? -5.347  0.090   -1.396  1.00  9.07  ? 31   ILE A N   1 
ATOM   215 C  CA  . ILE A 1 31 ? -5.563  -0.314  0.008   1.00  9.75  ? 31   ILE A CA  1 
ATOM   216 C  C   . ILE A 1 31 ? -7.058  -0.327  0.409   1.00  10.27 ? 31   ILE A C   1 
ATOM   217 O  O   . ILE A 1 31 ? -7.824  0.549   0.001   1.00  10.40 ? 31   ILE A O   1 
ATOM   218 C  CB  . ILE A 1 31 ? -4.786  0.654   0.950   1.00  9.61  ? 31   ILE A CB  1 
ATOM   219 C  CG1 . ILE A 1 31 ? -3.284  0.342   0.883   1.00  9.62  ? 31   ILE A CG1 1 
ATOM   220 C  CG2 . ILE A 1 31 ? -5.274  0.551   2.395   1.00  9.75  ? 31   ILE A CG2 1 
ATOM   221 C  CD1 . ILE A 1 31 ? -2.417  1.433   1.463   1.00  7.34  ? 31   ILE A CD1 1 
ATOM   222 N  N   . ASP A 1 32 ? -7.482  -1.344  1.156   1.00  11.08 ? 32   ASP A N   1 
ATOM   223 C  CA  . ASP A 1 32 ? -8.858  -1.364  1.623   1.00  12.66 ? 32   ASP A CA  1 
ATOM   224 C  C   . ASP A 1 32 ? -8.789  -0.516  2.881   1.00  12.64 ? 32   ASP A C   1 
ATOM   225 O  O   . ASP A 1 32 ? -8.434  -0.996  3.963   1.00  12.76 ? 32   ASP A O   1 
ATOM   226 C  CB  . ASP A 1 32 ? -9.273  -2.808  1.995   1.00  15.96 ? 32   ASP A CB  1 
ATOM   227 C  CG  . ASP A 1 32 ? -10.733 -2.875  2.575   1.00  18.48 ? 32   ASP A CG  1 
ATOM   228 O  OD1 . ASP A 1 32 ? -11.160 -1.893  3.176   1.00  20.47 ? 32   ASP A OD1 1 
ATOM   229 O  OD2 . ASP A 1 32 ? -11.336 -3.909  2.402   1.00  22.40 ? 32   ASP A OD2 1 
ATOM   230 N  N   . ALA A 1 33 ? -9.141  0.740   2.737   1.00  12.99 ? 33   ALA A N   1 
ATOM   231 C  CA  . ALA A 1 33 ? -9.041  1.690   3.842   1.00  13.80 ? 33   ALA A CA  1 
ATOM   232 C  C   . ALA A 1 33 ? -9.617  1.275   5.182   1.00  15.36 ? 33   ALA A C   1 
ATOM   233 O  O   . ALA A 1 33 ? -9.053  1.608   6.224   1.00  14.24 ? 33   ALA A O   1 
ATOM   234 C  CB  . ALA A 1 33 ? -9.634  3.025   3.440   1.00  13.63 ? 33   ALA A CB  1 
ATOM   235 N  N   . ASP A 1 34 ? -10.753 0.584   5.150   1.00  15.59 ? 34   ASP A N   1 
ATOM   236 C  CA  . ASP A 1 34 ? -11.410 0.166   6.394   1.00  17.19 ? 34   ASP A CA  1 
ATOM   237 C  C   . ASP A 1 34 ? -10.666 -0.868  7.238   1.00  15.52 ? 34   ASP A C   1 
ATOM   238 O  O   . ASP A 1 34 ? -10.933 -0.986  8.438   1.00  16.38 ? 34   ASP A O   1 
ATOM   239 C  CB  . ASP A 1 34 ? -12.854 -0.306  6.083   1.00  22.01 ? 34   ASP A CB  1 
ATOM   240 C  CG  . ASP A 1 34 ? -13.681 0.755   5.322   1.00  27.40 ? 34   ASP A CG  1 
ATOM   241 O  OD1 . ASP A 1 34 ? -13.842 1.869   5.859   1.00  29.54 ? 34   ASP A OD1 1 
ATOM   242 O  OD2 . ASP A 1 34 ? -14.154 0.460   4.184   1.00  31.44 ? 34   ASP A OD2 1 
ATOM   243 N  N   . SER A 1 35 ? -9.723  -1.600  6.665   1.00  13.31 ? 35   SER A N   1 
ATOM   244 C  CA  . SER A 1 35 ? -8.981  -2.622  7.406   1.00  12.31 ? 35   SER A CA  1 
ATOM   245 C  C   . SER A 1 35 ? -7.555  -2.190  7.738   1.00  11.22 ? 35   SER A C   1 
ATOM   246 O  O   . SER A 1 35 ? -6.879  -2.820  8.559   1.00  11.15 ? 35   SER A O   1 
ATOM   247 C  CB  . SER A 1 35 ? -8.921  -3.901  6.578   1.00  13.28 ? 35   SER A CB  1 
ATOM   248 O  OG  . SER A 1 35 ? -10.223 -4.296  6.192   1.00  15.30 ? 35   SER A OG  1 
ATOM   249 N  N   . CYS A 1 36 ? -7.117  -1.119  7.095   1.00  10.26 ? 36   CYS A N   1 
ATOM   250 C  CA  . CYS A 1 36 ? -5.761  -0.609  7.287   1.00  10.76 ? 36   CYS A CA  1 
ATOM   251 C  C   . CYS A 1 36 ? -5.499  -0.115  8.706   1.00  10.98 ? 36   CYS A C   1 
ATOM   252 O  O   . CYS A 1 36 ? -6.209  0.743   9.230   1.00  10.14 ? 36   CYS A O   1 
ATOM   253 C  CB  . CYS A 1 36 ? -5.470  0.489   6.256   1.00  10.75 ? 36   CYS A CB  1 
ATOM   254 S  SG  . CYS A 1 36 ? -3.783  1.173   6.340   1.00  9.25  ? 36   CYS A SG  1 
ATOM   255 N  N   . ILE A 1 37 ? -4.425  -0.622  9.312   1.00  11.29 ? 37   ILE A N   1 
ATOM   256 C  CA  . ILE A 1 37 ? -4.053  -0.245  10.676  1.00  11.00 ? 37   ILE A CA  1 
ATOM   257 C  C   . ILE A 1 37 ? -2.949  0.809   10.797  1.00  11.21 ? 37   ILE A C   1 
ATOM   258 O  O   . ILE A 1 37 ? -2.389  0.995   11.872  1.00  11.23 ? 37   ILE A O   1 
ATOM   259 C  CB  . ILE A 1 37 ? -3.678  -1.491  11.515  1.00  10.69 ? 37   ILE A CB  1 
ATOM   260 C  CG1 . ILE A 1 37 ? -2.566  -2.276  10.829  1.00  11.03 ? 37   ILE A CG1 1 
ATOM   261 C  CG2 . ILE A 1 37 ? -4.909  -2.385  11.718  1.00  9.32  ? 37   ILE A CG2 1 
ATOM   262 C  CD1 . ILE A 1 37 ? -1.901  -3.270  11.769  1.00  13.75 ? 37   ILE A CD1 1 
ATOM   263 N  N   . ASP A 1 38 ? -2.636  1.489   9.709   1.00  11.38 ? 38   ASP A N   1 
ATOM   264 C  CA  . ASP A 1 38 ? -1.615  2.535   9.715   1.00  11.46 ? 38   ASP A CA  1 
ATOM   265 C  C   . ASP A 1 38 ? -0.248  2.082   10.272  1.00  10.46 ? 38   ASP A C   1 
ATOM   266 O  O   . ASP A 1 38 ? 0.448   2.853   10.924  1.00  11.17 ? 38   ASP A O   1 
ATOM   267 C  CB  . ASP A 1 38 ? -2.115  3.741   10.520  1.00  12.10 ? 38   ASP A CB  1 
ATOM   268 C  CG  . ASP A 1 38 ? -3.369  4.366   9.918   1.00  15.26 ? 38   ASP A CG  1 
ATOM   269 O  OD1 . ASP A 1 38 ? -3.351  4.751   8.726   1.00  14.95 ? 38   ASP A OD1 1 
ATOM   270 O  OD2 . ASP A 1 38 ? -4.373  4.516   10.657  1.00  17.84 ? 38   ASP A OD2 1 
ATOM   271 N  N   . CYS A 1 39 ? 0.140   0.854   9.960   1.00  9.61  ? 39   CYS A N   1 
ATOM   272 C  CA  . CYS A 1 39 ? 1.398   0.273   10.426  1.00  10.84 ? 39   CYS A CA  1 
ATOM   273 C  C   . CYS A 1 39 ? 2.609   0.732   9.628   1.00  11.11 ? 39   CYS A C   1 
ATOM   274 O  O   . CYS A 1 39 ? 3.748   0.521   10.042  1.00  11.18 ? 39   CYS A O   1 
ATOM   275 C  CB  . CYS A 1 39 ? 1.313   -1.251  10.395  1.00  10.18 ? 39   CYS A CB  1 
ATOM   276 S  SG  . CYS A 1 39 ? 1.457   -2.044  8.762   1.00  10.77 ? 39   CYS A SG  1 
ATOM   277 N  N   . GLY A 1 40 ? 2.350   1.221   8.420   1.00  11.21 ? 40   GLY A N   1 
ATOM   278 C  CA  . GLY A 1 40 ? 3.400   1.719   7.555   1.00  11.60 ? 40   GLY A CA  1 
ATOM   279 C  C   . GLY A 1 40 ? 4.330   0.740   6.864   1.00  11.32 ? 40   GLY A C   1 
ATOM   280 O  O   . GLY A 1 40 ? 5.214   1.165   6.132   1.00  11.80 ? 40   GLY A O   1 
ATOM   281 N  N   . SER A 1 41 ? 4.120   -0.557  7.063   1.00  11.39 ? 41   SER A N   1 
ATOM   282 C  CA  . SER A 1 41 ? 4.964   -1.568  6.444   1.00  12.52 ? 41   SER A CA  1 
ATOM   283 C  C   . SER A 1 41 ? 5.034   -1.474  4.921   1.00  11.03 ? 41   SER A C   1 
ATOM   284 O  O   . SER A 1 41 ? 6.095   -1.677  4.335   1.00  10.34 ? 41   SER A O   1 
ATOM   285 C  CB  . SER A 1 41 ? 4.558   -2.971  6.889   1.00  13.16 ? 41   SER A CB  1 
ATOM   286 O  OG  . SER A 1 41 ? 4.695   -3.100  8.297   1.00  17.29 ? 41   SER A OG  1 
ATOM   287 N  N   . CYS A 1 42 ? 3.912   -1.136  4.283   1.00  9.40  ? 42   CYS A N   1 
ATOM   288 C  CA  . CYS A 1 42 ? 3.865   -0.994  2.830   1.00  9.14  ? 42   CYS A CA  1 
ATOM   289 C  C   . CYS A 1 42 ? 4.755   0.171   2.406   1.00  8.71  ? 42   CYS A C   1 
ATOM   290 O  O   . CYS A 1 42 ? 5.537   0.051   1.467   1.00  9.88  ? 42   CYS A O   1 
ATOM   291 C  CB  . CYS A 1 42 ? 2.432   -0.773  2.354   1.00  7.88  ? 42   CYS A CB  1 
ATOM   292 S  SG  . CYS A 1 42 ? 1.543   0.481   3.286   1.00  9.44  ? 42   CYS A SG  1 
ATOM   293 N  N   . ALA A 1 43 ? 4.669   1.279   3.138   1.00  9.17  ? 43   ALA A N   1 
ATOM   294 C  CA  . ALA A 1 43 ? 5.481   2.459   2.853   1.00  10.61 ? 43   ALA A CA  1 
ATOM   295 C  C   . ALA A 1 43 ? 6.958   2.074   2.985   1.00  11.42 ? 43   ALA A C   1 
ATOM   296 O  O   . ALA A 1 43 ? 7.788   2.542   2.223   1.00  13.00 ? 43   ALA A O   1 
ATOM   297 C  CB  . ALA A 1 43 ? 5.175   3.587   3.817   1.00  9.21  ? 43   ALA A CB  1 
ATOM   298 N  N   . SER A 1 44 ? 7.258   1.239   3.965   1.00  12.39 ? 44   SER A N   1 
ATOM   299 C  CA  . SER A 1 44 ? 8.626   0.810   4.204   1.00  13.65 ? 44   SER A CA  1 
ATOM   300 C  C   . SER A 1 44 ? 9.285   0.033   3.056   1.00  13.03 ? 44   SER A C   1 
ATOM   301 O  O   . SER A 1 44 ? 10.464  0.276   2.764   1.00  13.72 ? 44   SER A O   1 
ATOM   302 C  CB  . SER A 1 44 ? 8.706   0.009   5.501   1.00  14.12 ? 44   SER A CB  1 
ATOM   303 O  OG  . SER A 1 44 ? 10.053  -0.305  5.800   1.00  18.29 ? 44   SER A OG  1 
ATOM   304 N  N   . VAL A 1 45 ? 8.569   -0.905  2.427   1.00  11.17 ? 45   VAL A N   1 
ATOM   305 C  CA  . VAL A 1 45 ? 9.132   -1.695  1.314   1.00  10.96 ? 45   VAL A CA  1 
ATOM   306 C  C   . VAL A 1 45 ? 8.954   -1.137  -0.105  1.00  10.26 ? 45   VAL A C   1 
ATOM   307 O  O   . VAL A 1 45 ? 9.519   -1.680  -1.057  1.00  9.26  ? 45   VAL A O   1 
ATOM   308 C  CB  . VAL A 1 45 ? 8.562   -3.144  1.232   1.00  11.09 ? 45   VAL A CB  1 
ATOM   309 C  CG1 . VAL A 1 45 ? 9.018   -3.980  2.415   1.00  13.81 ? 45   VAL A CG1 1 
ATOM   310 C  CG2 . VAL A 1 45 ? 7.039   -3.113  1.119   1.00  7.51  ? 45   VAL A CG2 1 
ATOM   311 N  N   . CYS A 1 46 ? 8.112   -0.125  -0.267  1.00  9.88  ? 46   CYS A N   1 
ATOM   312 C  CA  . CYS A 1 46 ? 7.878   0.403   -1.602  1.00  8.71  ? 46   CYS A CA  1 
ATOM   313 C  C   . CYS A 1 46 ? 9.108   1.080   -2.204  1.00  10.03 ? 46   CYS A C   1 
ATOM   314 O  O   . CYS A 1 46 ? 9.678   2.001   -1.621  1.00  9.59  ? 46   CYS A O   1 
ATOM   315 C  CB  . CYS A 1 46 ? 6.677   1.353   -1.618  1.00  8.87  ? 46   CYS A CB  1 
ATOM   316 S  SG  . CYS A 1 46 ? 6.286   1.939   -3.295  1.00  7.43  ? 46   CYS A SG  1 
ATOM   317 N  N   . PRO A 1 47 ? 9.525   0.627   -3.402  1.00  10.26 ? 47   PRO A N   1 
ATOM   318 C  CA  . PRO A 1 47 ? 10.686  1.218   -4.055  1.00  11.16 ? 47   PRO A CA  1 
ATOM   319 C  C   . PRO A 1 47 ? 10.459  2.647   -4.568  1.00  12.27 ? 47   PRO A C   1 
ATOM   320 O  O   . PRO A 1 47 ? 11.426  3.363   -4.796  1.00  13.23 ? 47   PRO A O   1 
ATOM   321 C  CB  . PRO A 1 47 ? 10.959  0.252   -5.215  1.00  11.76 ? 47   PRO A CB  1 
ATOM   322 C  CG  . PRO A 1 47 ? 9.628   -0.322  -5.522  1.00  11.67 ? 47   PRO A CG  1 
ATOM   323 C  CD  . PRO A 1 47 ? 9.030   -0.546  -4.150  1.00  10.50 ? 47   PRO A CD  1 
ATOM   324 N  N   . VAL A 1 48 ? 9.206   3.073   -4.689  1.00  11.18 ? 48   VAL A N   1 
ATOM   325 C  CA  . VAL A 1 48 ? 8.919   4.408   -5.230  1.00  12.20 ? 48   VAL A CA  1 
ATOM   326 C  C   . VAL A 1 48 ? 8.157   5.345   -4.281  1.00  11.38 ? 48   VAL A C   1 
ATOM   327 O  O   . VAL A 1 48 ? 7.723   6.430   -4.691  1.00  11.07 ? 48   VAL A O   1 
ATOM   328 C  CB  . VAL A 1 48 ? 8.174   4.327   -6.613  1.00  12.34 ? 48   VAL A CB  1 
ATOM   329 C  CG1 . VAL A 1 48 ? 9.111   3.799   -7.677  1.00  14.00 ? 48   VAL A CG1 1 
ATOM   330 C  CG2 . VAL A 1 48 ? 6.977   3.377   -6.541  1.00  12.42 ? 48   VAL A CG2 1 
ATOM   331 N  N   . GLY A 1 49 ? 8.014   4.930   -3.022  1.00  10.63 ? 49   GLY A N   1 
ATOM   332 C  CA  . GLY A 1 49 ? 7.308   5.730   -2.031  1.00  10.02 ? 49   GLY A CA  1 
ATOM   333 C  C   . GLY A 1 49 ? 5.863   6.084   -2.345  1.00  8.79  ? 49   GLY A C   1 
ATOM   334 O  O   . GLY A 1 49 ? 5.419   7.186   -2.044  1.00  8.64  ? 49   GLY A O   1 
ATOM   335 N  N   . ALA A 1 50 ? 5.129   5.148   -2.922  1.00  7.89  ? 50   ALA A N   1 
ATOM   336 C  CA  . ALA A 1 50 ? 3.713   5.374   -3.273  1.00  7.15  ? 50   ALA A CA  1 
ATOM   337 C  C   . ALA A 1 50 ? 2.718   5.359   -2.094  1.00  7.55  ? 50   ALA A C   1 
ATOM   338 O  O   . ALA A 1 50 ? 1.749   6.143   -2.111  1.00  7.21  ? 50   ALA A O   1 
ATOM   339 C  CB  . ALA A 1 50 ? 3.269   4.366   -4.372  1.00  7.00  ? 50   ALA A CB  1 
ATOM   340 N  N   . PRO A 1 51 ? 2.889   4.461   -1.104  1.00  7.55  ? 51   PRO A N   1 
ATOM   341 C  CA  . PRO A 1 51 ? 1.983   4.369   0.033   1.00  6.46  ? 51   PRO A CA  1 
ATOM   342 C  C   . PRO A 1 51 ? 2.278   5.475   1.019   1.00  7.82  ? 51   PRO A C   1 
ATOM   343 O  O   . PRO A 1 51 ? 3.416   5.586   1.500   1.00  7.88  ? 51   PRO A O   1 
ATOM   344 C  CB  . PRO A 1 51 ? 2.294   3.012   0.655   1.00  5.88  ? 51   PRO A CB  1 
ATOM   345 C  CG  . PRO A 1 51 ? 3.036   2.276   -0.413  1.00  6.04  ? 51   PRO A CG  1 
ATOM   346 C  CD  . PRO A 1 51 ? 3.889   3.368   -0.995  1.00  6.42  ? 51   PRO A CD  1 
ATOM   347 N  N   . ASN A 1 52 ? 1.272   6.278   1.310   1.00  7.98  ? 52   ASN A N   1 
ATOM   348 C  CA  . ASN A 1 52 ? 1.432   7.375   2.251   1.00  10.66 ? 52   ASN A CA  1 
ATOM   349 C  C   . ASN A 1 52 ? 0.178   7.500   3.081   1.00  11.62 ? 52   ASN A C   1 
ATOM   350 O  O   . ASN A 1 52 ? -0.894  7.043   2.686   1.00  10.49 ? 52   ASN A O   1 
ATOM   351 C  CB  . ASN A 1 52 ? 1.626   8.717   1.531   1.00  11.73 ? 52   ASN A CB  1 
ATOM   352 C  CG  . ASN A 1 52 ? 2.845   8.764   0.631   1.00  13.71 ? 52   ASN A CG  1 
ATOM   353 O  OD1 . ASN A 1 52 ? 2.732   8.594   -0.590  1.00  15.10 ? 52   ASN A OD1 1 
ATOM   354 N  ND2 . ASN A 1 52 ? 4.015   9.055   1.213   1.00  13.03 ? 52   ASN A ND2 1 
ATOM   355 N  N   . PRO A 1 53 ? 0.302   8.119   4.263   1.00  14.14 ? 53   PRO A N   1 
ATOM   356 C  CA  . PRO A 1 53 ? -0.900  8.287   5.093   1.00  16.71 ? 53   PRO A CA  1 
ATOM   357 C  C   . PRO A 1 53 ? -1.916  9.066   4.266   1.00  18.37 ? 53   PRO A C   1 
ATOM   358 O  O   . PRO A 1 53 ? -1.555  9.984   3.529   1.00  17.43 ? 53   PRO A O   1 
ATOM   359 C  CB  . PRO A 1 53 ? -0.376  9.119   6.264   1.00  16.00 ? 53   PRO A CB  1 
ATOM   360 C  CG  . PRO A 1 53 ? 1.056   8.650   6.392   1.00  15.19 ? 53   PRO A CG  1 
ATOM   361 C  CD  . PRO A 1 53 ? 1.501   8.616   4.943   1.00  13.89 ? 53   PRO A CD  1 
ATOM   362 N  N   . GLU A 1 54 ? -3.175  8.651   4.350   1.00  21.58 ? 54   GLU A N   1 
ATOM   363 C  CA  . GLU A 1 54 ? -4.248  9.301   3.614   1.00  25.95 ? 54   GLU A CA  1 
ATOM   364 C  C   . GLU A 1 54 ? -4.353  10.802  3.890   1.00  27.76 ? 54   GLU A C   1 
ATOM   365 O  O   . GLU A 1 54 ? -4.026  11.265  4.996   1.00  26.80 ? 54   GLU A O   1 
ATOM   366 C  CB  . GLU A 1 54 ? -5.573  8.638   3.952   1.00  27.59 ? 54   GLU A CB  1 
ATOM   367 C  CG  . GLU A 1 54 ? -6.438  8.369   2.751   1.00  31.93 ? 54   GLU A CG  1 
ATOM   368 C  CD  . GLU A 1 54 ? -7.760  7.733   3.136   1.00  33.49 ? 54   GLU A CD  1 
ATOM   369 O  OE1 . GLU A 1 54 ? -8.410  8.238   4.079   1.00  33.30 ? 54   GLU A OE1 1 
ATOM   370 O  OE2 . GLU A 1 54 ? -8.138  6.720   2.506   1.00  34.37 ? 54   GLU A OE2 1 
ATOM   371 N  N   . ASP A 1 55 ? -4.812  11.530  2.877   1.00  29.88 ? 55   ASP A N   1 
ATOM   372 C  CA  . ASP A 1 55 ? -4.998  12.976  2.952   1.00  32.05 ? 55   ASP A CA  1 
ATOM   373 C  C   . ASP A 1 55 ? -6.425  13.361  3.340   1.00  33.16 ? 55   ASP A C   1 
ATOM   374 O  O   . ASP A 1 55 ? -7.379  12.716  2.845   1.00  34.64 ? 55   ASP A O   1 
ATOM   375 C  CB  . ASP A 1 55 ? -4.654  13.638  1.609   1.00  34.15 ? 55   ASP A CB  1 
ATOM   376 C  CG  . ASP A 1 55 ? -3.176  13.975  1.480   1.00  36.20 ? 55   ASP A CG  1 
ATOM   377 O  OD1 . ASP A 1 55 ? -2.583  14.469  2.464   1.00  37.08 ? 55   ASP A OD1 1 
ATOM   378 O  OD2 . ASP A 1 55 ? -2.610  13.759  0.379   1.00  38.03 ? 55   ASP A OD2 1 
ATOM   379 O  OXT . ASP A 1 55 ? -6.563  14.335  4.114   1.00  34.13 ? 55   ASP A OXT 1 
HETATM 380 FE FE1 . SF4 B 2 .  ? 2.951   -0.101  -5.838  1.00  8.86  ? 56   SF4 A FE1 1 
HETATM 381 FE FE2 . SF4 B 2 .  ? 5.095   -1.716  -5.526  1.00  10.18 ? 56   SF4 A FE2 1 
HETATM 382 FE FE3 . SF4 B 2 .  ? 4.953   0.368   -4.060  1.00  8.06  ? 56   SF4 A FE3 1 
HETATM 383 FE FE4 . SF4 B 2 .  ? 3.144   -1.598  -3.656  1.00  7.21  ? 56   SF4 A FE4 1 
HETATM 384 S  S1  . SF4 B 2 .  ? 5.308   -1.664  -3.318  1.00  8.14  ? 56   SF4 A S1  1 
HETATM 385 S  S2  . SF4 B 2 .  ? 2.732   0.585   -3.735  1.00  7.42  ? 56   SF4 A S2  1 
HETATM 386 S  S3  . SF4 B 2 .  ? 2.970   -2.337  -5.709  1.00  6.98  ? 56   SF4 A S3  1 
HETATM 387 S  S4  . SF4 B 2 .  ? 5.090   0.324   -6.287  1.00  6.16  ? 56   SF4 A S4  1 
HETATM 388 FE FE1 . SF4 C 2 .  ? -2.252  -0.416  5.935   1.00  8.73  ? 57   SF4 A FE1 1 
HETATM 389 FE FE2 . SF4 C 2 .  ? -0.044  -1.512  7.042   1.00  9.61  ? 57   SF4 A FE2 1 
HETATM 390 FE FE3 . SF4 C 2 .  ? -1.351  -2.852  5.197   1.00  9.59  ? 57   SF4 A FE3 1 
HETATM 391 FE FE4 . SF4 C 2 .  ? 0.061   -0.598  4.566   1.00  8.71  ? 57   SF4 A FE4 1 
HETATM 392 S  S1  . SF4 C 2 .  ? 0.887   -2.429  5.372   1.00  8.38  ? 57   SF4 A S1  1 
HETATM 393 S  S2  . SF4 C 2 .  ? -2.014  -1.184  3.855   1.00  8.81  ? 57   SF4 A S2  1 
HETATM 394 S  S3  . SF4 C 2 .  ? -0.215  0.601   6.310   1.00  7.90  ? 57   SF4 A S3  1 
HETATM 395 S  S4  . SF4 C 2 .  ? -2.119  -2.178  7.226   1.00  8.30  ? 57   SF4 A S4  1 
HETATM 396 O  O   . HOH D 3 .  ? -10.511 4.967   -2.085  1.16  42.82 ? 105  HOH A O   1 
HETATM 397 O  O   . HOH D 3 .  ? 2.478   14.541  -4.154  0.37  22.12 ? 152  HOH A O   1 
HETATM 398 O  O   . HOH D 3 .  ? 4.094   14.842  -7.036  0.31  19.04 ? 153  HOH A O   1 
HETATM 399 O  O   . HOH D 3 .  ? 3.519   16.351  -4.996  0.18  18.76 ? 154  HOH A O   1 
HETATM 400 O  O   . HOH D 3 .  ? 4.578   15.834  -2.853  0.05  13.01 ? 155  HOH A O   1 
HETATM 401 O  O   . HOH D 3 .  ? 6.205   14.921  -1.734  0.24  21.27 ? 156  HOH A O   1 
HETATM 402 O  O   . HOH D 3 .  ? 0.641   16.986  -7.701  0.31  18.34 ? 157  HOH A O   1 
HETATM 403 O  O   . HOH D 3 .  ? 8.987   17.139  -2.184  0.77  23.60 ? 159  HOH A O   1 
HETATM 404 O  O   . HOH D 3 .  ? 12.363  16.459  -3.645  0.58  21.33 ? 160  HOH A O   1 
HETATM 405 O  O   . HOH D 3 .  ? 12.158  13.132  -3.017  0.35  22.52 ? 161  HOH A O   1 
HETATM 406 O  O   . HOH D 3 .  ? 12.674  12.769  -6.108  0.68  30.99 ? 162  HOH A O   1 
HETATM 407 O  O   . HOH D 3 .  ? 15.540  13.533  -3.343  0.33  14.97 ? 163  HOH A O   1 
HETATM 408 O  O   . HOH D 3 .  ? 9.329   14.181  -6.549  0.32  27.46 ? 164  HOH A O   1 
HETATM 409 O  O   . HOH D 3 .  ? 11.424  15.462  -6.558  0.44  19.11 ? 165  HOH A O   1 
HETATM 410 O  O   . HOH D 3 .  ? 7.060   15.317  -6.349  0.29  18.93 ? 166  HOH A O   1 
HETATM 411 O  O   . HOH D 3 .  ? 8.656   15.174  -4.207  0.33  21.75 ? 167  HOH A O   1 
HETATM 412 O  O   . HOH D 3 .  ? 14.877  13.030  -5.437  0.32  22.08 ? 168  HOH A O   1 
HETATM 413 O  O   . HOH D 3 .  ? 14.818  10.999  -3.141  0.31  12.61 ? 171  HOH A O   1 
HETATM 414 O  O   . HOH D 3 .  ? 13.926  7.354   -1.034  0.10  25.08 ? 172  HOH A O   1 
HETATM 415 O  O   . HOH D 3 .  ? 15.881  8.681   -0.233  0.42  25.97 ? 173  HOH A O   1 
HETATM 416 O  O   . HOH D 3 .  ? 10.922  19.486  -8.687  0.18  19.54 ? 174  HOH A O   1 
HETATM 417 O  O   . HOH D 3 .  ? 11.331  19.417  -4.942  0.49  22.51 ? 175  HOH A O   1 
HETATM 418 O  O   . HOH D 3 .  ? 13.937  17.473  -7.467  0.26  16.69 ? 176  HOH A O   1 
HETATM 419 O  O   . HOH D 3 .  ? 12.567  15.786  -9.159  0.31  17.41 ? 177  HOH A O   1 
HETATM 420 O  O   . HOH D 3 .  ? 2.681   18.399  1.820   0.37  20.99 ? 178  HOH A O   1 
HETATM 421 O  O   . HOH D 3 .  ? 3.868   18.462  -10.696 0.21  14.63 ? 179  HOH A O   1 
HETATM 422 O  O   . HOH D 3 .  ? 4.750   19.808  -8.879  0.23  20.66 ? 180  HOH A O   1 
HETATM 423 O  O   . HOH D 3 .  ? 6.075   16.844  2.820   0.45  25.23 ? 182  HOH A O   1 
HETATM 424 O  O   . HOH D 3 .  ? 6.193   18.656  -6.209  0.32  24.57 ? 184  HOH A O   1 
HETATM 425 O  O   . HOH D 3 .  ? 5.683   17.387  -3.816  0.20  16.09 ? 185  HOH A O   1 
HETATM 426 O  O   . HOH D 3 .  ? 1.598   17.012  -10.415 0.48  19.19 ? 186  HOH A O   1 
HETATM 427 O  O   . HOH D 3 .  ? 2.232   15.593  -11.770 0.47  22.88 ? 187  HOH A O   1 
HETATM 428 O  O   . HOH D 3 .  ? -16.897 5.304   3.841   0.26  21.49 ? 190  HOH A O   1 
HETATM 429 O  O   . HOH D 3 .  ? -18.644 6.486   2.248   0.36  20.54 ? 191  HOH A O   1 
HETATM 430 O  O   . HOH D 3 .  ? -14.614 4.684   0.973   0.36  21.23 ? 192  HOH A O   1 
HETATM 431 O  O   . HOH D 3 .  ? -18.104 0.372   3.618   0.25  19.49 ? 195  HOH A O   1 
HETATM 432 O  O   . HOH D 3 .  ? -7.648  4.180   9.063   0.81  41.20 ? 1001 HOH A O   1 
HETATM 433 O  O   . HOH D 3 .  ? -6.878  4.340   1.214   0.89  26.71 ? 1002 HOH A O   1 
HETATM 434 O  O   . HOH D 3 .  ? -0.720  9.949   -1.526  1.03  39.95 ? 1005 HOH A O   1 
HETATM 435 O  O   . HOH D 3 .  ? 2.659   7.965   -12.831 0.53  23.41 ? 1006 HOH A O   1 
HETATM 436 O  O   . HOH D 3 .  ? 5.645   12.219  -5.895  1.12  42.65 ? 1007 HOH A O   1 
HETATM 437 O  O   . HOH D 3 .  ? 1.045   1.344   -12.013 0.90  44.95 ? 1008 HOH A O   1 
HETATM 438 O  O   . HOH D 3 .  ? 2.045   -9.171  -4.882  0.69  22.54 ? 1012 HOH A O   1 
HETATM 439 O  O   . HOH D 3 .  ? 8.088   -7.713  -0.741  0.95  7.84  ? 1013 HOH A O   1 
HETATM 440 O  O   . HOH D 3 .  ? -5.931  -9.283  -0.330  0.48  18.86 ? 1015 HOH A O   1 
HETATM 441 O  O   . HOH D 3 .  ? 7.770   -3.963  5.498   0.83  27.12 ? 1017 HOH A O   1 
HETATM 442 O  O   . HOH D 3 .  ? -0.213  -10.003 3.479   1.14  28.82 ? 1018 HOH A O   1 
HETATM 443 O  O   . HOH D 3 .  ? -8.071  -7.456  9.141   0.85  19.45 ? 1020 HOH A O   1 
HETATM 444 O  O   . HOH D 3 .  ? -2.186  -7.563  1.163   1.08  20.08 ? 1021 HOH A O   1 
HETATM 445 O  O   . HOH D 3 .  ? -7.435  -7.521  -6.981  1.10  30.46 ? 1025 HOH A O   1 
HETATM 446 O  O   . HOH D 3 .  ? -1.491  -5.159  -11.508 0.59  23.87 ? 1026 HOH A O   1 
HETATM 447 O  O   . HOH D 3 .  ? -6.526  -2.307  -12.373 1.00  28.06 ? 1027 HOH A O   1 
HETATM 448 O  O   . HOH D 3 .  ? -6.424  0.393   -8.812  1.08  28.90 ? 1028 HOH A O   1 
HETATM 449 O  O   . HOH D 3 .  ? -4.382  3.172   -5.048  0.93  6.33  ? 1029 HOH A O   1 
HETATM 450 O  O   . HOH D 3 .  ? -5.038  2.884   -2.291  1.00  4.24  ? 1031 HOH A O   1 
HETATM 451 O  O   . HOH D 3 .  ? -10.636 -5.992  -0.034  0.78  31.39 ? 1032 HOH A O   1 
HETATM 452 O  O   . HOH D 3 .  ? -11.230 1.907   0.818   0.70  21.66 ? 1033 HOH A O   1 
HETATM 453 O  O   . HOH D 3 .  ? -16.097 2.305   4.222   0.46  19.03 ? 1034 HOH A O   1 
HETATM 454 O  O   . HOH D 3 .  ? -7.837  -4.867  10.086  1.35  18.24 ? 1035 HOH A O   1 
HETATM 455 O  O   . HOH D 3 .  ? -8.893  2.019   9.247   0.95  33.33 ? 1036 HOH A O   1 
HETATM 456 O  O   . HOH D 3 .  ? -1.118  -0.338  14.160  1.33  24.87 ? 1037 HOH A O   1 
HETATM 457 O  O   . HOH D 3 .  ? -0.472  7.717   9.951   0.70  17.43 ? 1038 HOH A O   1 
HETATM 458 O  O   . HOH D 3 .  ? 2.099   -3.335  13.157  0.46  16.62 ? 1039 HOH A O   1 
HETATM 459 O  O   . HOH D 3 .  ? 7.705   4.624   0.717   1.17  31.47 ? 1043 HOH A O   1 
HETATM 460 O  O   . HOH D 3 .  ? 13.099  -0.706  -1.866  1.06  42.84 ? 1045 HOH A O   1 
HETATM 461 O  O   . HOH D 3 .  ? 11.297  2.529   0.516   0.88  31.94 ? 1046 HOH A O   1 
HETATM 462 O  O   . HOH D 3 .  ? 14.408  0.255   -4.728  1.13  35.72 ? 1047 HOH A O   1 
HETATM 463 O  O   . HOH D 3 .  ? 10.556  9.942   -3.609  0.64  25.39 ? 1048 HOH A O   1 
HETATM 464 O  O   . HOH D 3 .  ? 5.818   6.588   1.486   0.73  10.69 ? 1051 HOH A O   1 
HETATM 465 O  O   . HOH D 3 .  ? 0.392   12.038  3.714   0.44  18.83 ? 1053 HOH A O   1 
HETATM 466 O  O   . HOH D 3 .  ? -7.742  11.059  6.215   0.33  23.96 ? 1054 HOH A O   1 
HETATM 467 O  O   . HOH D 3 .  ? -1.350  10.906  0.344   1.15  22.52 ? 1055 HOH A O   1 
HETATM 468 O  O   . HOH D 3 .  ? 0.131   11.532  -2.411  0.52  20.53 ? 2005 HOH A O   1 
HETATM 469 O  O   . HOH D 3 .  ? 2.623   13.274  -5.518  0.33  15.44 ? 2006 HOH A O   1 
HETATM 470 O  O   . HOH D 3 .  ? 1.801   4.325   -12.463 0.53  29.10 ? 2008 HOH A O   1 
HETATM 471 O  O   . HOH D 3 .  ? 4.875   -6.727  8.202   0.77  27.05 ? 2017 HOH A O   1 
HETATM 472 O  O   . HOH D 3 .  ? -6.740  -10.449 8.492   0.66  35.95 ? 2020 HOH A O   1 
HETATM 473 O  O   . HOH D 3 .  ? -5.552  -13.714 3.206   0.78  27.60 ? 2021 HOH A O   1 
HETATM 474 O  O   . HOH D 3 .  ? -6.598  -10.051 -8.423  1.20  46.56 ? 2025 HOH A O   1 
HETATM 475 O  O   . HOH D 3 .  ? -5.997  2.796   -11.568 0.77  37.47 ? 2028 HOH A O   1 
HETATM 476 O  O   . HOH D 3 .  ? -7.347  3.165   -0.972  0.74  7.78  ? 2031 HOH A O   1 
HETATM 477 O  O   . HOH D 3 .  ? -13.672 -0.839  2.864   0.49  20.86 ? 2032 HOH A O   1 
HETATM 478 O  O   . HOH D 3 .  ? -16.062 2.752   7.159   0.36  16.93 ? 2034 HOH A O   1 
HETATM 479 O  O   . HOH D 3 .  ? -5.552  3.396   13.271  0.66  30.71 ? 2038 HOH A O   1 
HETATM 480 O  O   . HOH D 3 .  ? 10.911  -3.898  -2.525  0.50  25.21 ? 2045 HOH A O   1 
HETATM 481 O  O   . HOH D 3 .  ? 0.918   16.105  -1.468  0.010 17.65 ? 2055 HOH A O   1 
HETATM 482 O  O   . HOH D 3 .  ? 7.909   -9.805  1.092   0.94  22.71 ? 3017 HOH A O   1 
HETATM 483 O  O   . HOH D 3 .  ? -8.222  -7.127  6.264   0.62  25.86 ? 3020 HOH A O   1 
HETATM 484 O  O   . HOH D 3 .  ? -6.867  -11.320 -5.159  0.75  47.08 ? 3025 HOH A O   1 
HETATM 485 O  O   . HOH D 3 .  ? -8.808  3.152   -5.273  1.28  28.33 ? 3031 HOH A O   1 
HETATM 486 O  O   . HOH D 3 .  ? -9.346  -6.045  2.870   0.42  14.40 ? 3032 HOH A O   1 
HETATM 487 O  O   . HOH D 3 .  ? 1.825   15.113  0.129   0.20  21.30 ? 3055 HOH A O   1 
HETATM 488 O  O   . HOH D 3 .  ? -7.820  -6.258  -11.847 0.87  44.77 ? 4025 HOH A O   1 
# 
